data_7EA8
#
_entry.id   7EA8
#
_cell.length_a   1.00
_cell.length_b   1.00
_cell.length_c   1.00
_cell.angle_alpha   90.00
_cell.angle_beta   90.00
_cell.angle_gamma   90.00
#
_symmetry.space_group_name_H-M   'P 1'
#
loop_
_entity.id
_entity.type
_entity.pdbx_description
1 polymer 'Histone-lysine N-methyltransferase SETD2'
2 polymer 'Histone H3.3'
3 polymer 'Histone H4'
4 polymer 'Histone H2A type 1-D'
5 polymer 'Histone H2B type 2-E'
6 polymer 601-DNA
7 polymer 601-DNA
8 non-polymer 'ZINC ION'
9 non-polymer S-ADENOSYLMETHIONINE
#
loop_
_entity_poly.entity_id
_entity_poly.type
_entity_poly.pdbx_seq_one_letter_code
_entity_poly.pdbx_strand_id
1 'polypeptide(L)'
;DDFRDPQRWKECAKQGKMPCYFDLIEENVYLTERKKNKSHRDIKRMQCECTPLSKDERAQGEIACGEDCLNRLLMIECSS
RCPNGDYCSNRRFQRKQHADVEVILTEKKGWGLRAAKDLPSNTFVLEYCGEVLDHKEFKARVKEYARNKNIHYYFMALKN
DEIIDATQKGNCSRFMNHSCEPNCETQKWTVNGQLRVGFFTTKLVPSGSELTFDYQFQRYGKEAQKCFCGSANCRGYLGG
ENRVS
;
L
2 'polypeptide(L)'
;GGVMKPHRYRPGTVALREIRRYQKSTELLIRKLPFQRLVREIAQDFKTDLRFQSAAIGALQEASEAYLVGLFEDTNLCAI
HAKRVTIMPKDIQLARRIRGE
;
A,E
3 'polypeptide(L)' DNIQGITKPAIRRLARRGGVKRISGLIYEETRGVLKVFLENVIRDAVTYTEHAKRKTVTAMDVVYALKRQGRTLYGFG B,F
4 'polypeptide(L)'
;AKTRSSRAGLQFPVGRVHRLLRKGNYSERVGAGAPVYLAAVLEYLTAEILELAGNAARDNKKTRIIPRHLQLAIRNDEEL
NKLLGKVTIAQGGVLPNIQAVLLP
;
C,G
5 'polypeptide(L)'
;PEPAKSAPAPKKGSKKAVTKAQKKDGKKRKRSRKESYSIYVYKVLKQVHPDTGISSKAMGIMNSFVNDIFERIAGEASRL
AHYNKRSTITSREIQTAVRLLLPGELAKHAVSEGTKAVTKYTSSK
;
D,H
6 'polydeoxyribonucleotide'
;(DC)(DG)(DA)(DG)(DA)(DA)(DT)(DC)(DC)(DC)(DG)(DG)(DT)(DG)(DC)(DC)(DG)(DA)(DG)(DG)
(DC)(DC)(DG)(DC)(DT)(DC)(DA)(DA)(DT)(DT)(DG)(DG)(DT)(DC)(DG)(DT)(DA)(DG)(DA)(DC)
(DA)(DG)(DC)(DT)(DC)(DT)(DA)(DG)(DC)(DA)(DC)(DC)(DG)(DC)(DT)(DT)(DA)(DA)(DA)(DC)
(DG)(DC)(DA)(DC)(DG)(DT)(DA)(DC)(DG)(DC)(DG)(DC)(DT)(DG)(DT)(DC)(DC)(DC)(DC)(DC)
(DG)(DC)(DG)(DT)(DT)(DT)(DT)(DA)(DA)(DC)(DC)(DG)(DC)(DC)(DA)(DA)(DG)(DG)(DG)(DG)
(DA)(DT)(DT)(DA)(DC)(DT)(DC)(DC)(DC)(DT)(DA)(DG)(DT)(DC)(DT)(DC)(DC)(DA)(DG)(DG)
(DC)(DA)
;
I
7 'polydeoxyribonucleotide'
;(DT)(DG)(DC)(DC)(DT)(DG)(DG)(DA)(DG)(DA)(DC)(DT)(DA)(DG)(DG)(DG)(DA)(DG)(DT)(DA)
(DA)(DT)(DC)(DC)(DC)(DC)(DT)(DT)(DG)(DG)(DC)(DG)(DG)(DT)(DT)(DA)(DA)(DA)(DA)(DC)
(DG)(DC)(DG)(DG)(DG)(DG)(DG)(DA)(DC)(DA)(DG)(DC)(DG)(DC)(DG)(DT)(DA)(DC)(DG)(DT)
(DG)(DC)(DG)(DT)(DT)(DT)(DA)(DA)(DG)(DC)(DG)(DG)(DT)(DG)(DC)(DT)(DA)(DG)(DA)(DG)
(DC)(DT)(DG)(DT)(DC)(DT)(DA)(DC)(DG)(DA)(DC)(DC)(DA)(DA)(DT)(DT)(DG)(DA)(DG)(DC)
(DG)(DG)(DC)(DC)(DT)(DC)(DG)(DG)(DC)(DA)(DC)(DC)(DG)(DG)(DG)(DA)(DT)(DT)(DC)(DT)
(DC)(DG)
;
J
#
loop_
_chem_comp.id
_chem_comp.type
_chem_comp.name
_chem_comp.formula
DA DNA linking 2'-DEOXYADENOSINE-5'-MONOPHOSPHATE 'C10 H14 N5 O6 P'
DC DNA linking 2'-DEOXYCYTIDINE-5'-MONOPHOSPHATE 'C9 H14 N3 O7 P'
DG DNA linking 2'-DEOXYGUANOSINE-5'-MONOPHOSPHATE 'C10 H14 N5 O7 P'
DT DNA linking THYMIDINE-5'-MONOPHOSPHATE 'C10 H15 N2 O8 P'
SAM non-polymer S-ADENOSYLMETHIONINE 'C15 H22 N6 O5 S'
ZN non-polymer 'ZINC ION' 'Zn 2'
#
# COMPACT_ATOMS: atom_id res chain seq x y z
N ASP A 1 28.03 27.32 50.32
CA ASP A 1 27.12 26.56 51.19
C ASP A 1 27.13 25.07 50.88
N ASP A 2 27.36 24.72 49.61
CA ASP A 2 27.49 23.31 49.24
C ASP A 2 28.90 22.81 49.56
N PHE A 3 29.90 23.38 48.90
CA PHE A 3 31.33 23.24 49.21
C PHE A 3 31.80 21.78 49.17
N ARG A 4 31.73 21.20 47.97
CA ARG A 4 32.08 19.80 47.79
C ARG A 4 33.60 19.63 47.87
N ASP A 5 34.06 19.00 48.94
CA ASP A 5 35.46 18.73 49.19
C ASP A 5 35.65 17.28 49.61
N PRO A 6 36.74 16.63 49.18
CA PRO A 6 36.88 15.19 49.43
C PRO A 6 37.31 14.84 50.85
N GLN A 7 37.69 15.80 51.69
CA GLN A 7 38.12 15.52 53.05
C GLN A 7 36.92 15.43 53.97
N ARG A 8 36.86 14.37 54.77
CA ARG A 8 35.76 14.19 55.71
C ARG A 8 35.91 15.14 56.89
N TRP A 9 34.79 15.71 57.32
CA TRP A 9 34.80 16.82 58.28
C TRP A 9 33.92 16.53 59.49
N LYS A 10 33.68 17.55 60.31
CA LYS A 10 33.12 17.38 61.66
C LYS A 10 31.64 17.70 61.72
N GLU A 11 30.86 17.35 60.71
CA GLU A 11 29.42 17.53 60.73
C GLU A 11 28.77 16.15 60.77
N CYS A 12 27.90 15.92 61.77
CA CYS A 12 27.37 14.60 62.04
C CYS A 12 26.47 14.02 60.96
N ALA A 13 25.29 14.61 60.76
CA ALA A 13 24.31 13.99 59.87
C ALA A 13 23.55 14.95 58.95
N LYS A 14 23.44 16.23 59.26
CA LYS A 14 22.43 17.06 58.60
C LYS A 14 22.84 17.52 57.21
N GLN A 15 24.14 17.51 56.90
CA GLN A 15 24.70 17.71 55.55
C GLN A 15 24.37 19.07 54.96
N GLY A 16 24.17 20.09 55.78
CA GLY A 16 23.80 21.40 55.27
C GLY A 16 24.98 22.28 54.91
N LYS A 17 26.10 22.12 55.63
CA LYS A 17 27.29 22.93 55.39
C LYS A 17 28.52 22.09 55.07
N MET A 18 28.52 20.79 55.35
CA MET A 18 29.67 19.93 55.11
C MET A 18 29.20 18.64 54.45
N PRO A 19 29.46 18.47 53.16
CA PRO A 19 28.88 17.35 52.40
C PRO A 19 29.68 16.05 52.40
N CYS A 20 30.67 15.89 53.28
CA CYS A 20 31.58 14.77 53.12
C CYS A 20 31.50 13.83 54.32
N TYR A 21 30.28 13.48 54.73
CA TYR A 21 30.09 12.37 55.66
C TYR A 21 29.76 11.08 54.90
N PHE A 22 28.85 11.17 53.94
CA PHE A 22 28.60 10.09 52.99
C PHE A 22 29.49 10.30 51.76
N ASP A 23 29.24 9.52 50.71
CA ASP A 23 29.93 9.68 49.44
C ASP A 23 28.94 10.20 48.40
N LEU A 24 29.47 10.92 47.41
CA LEU A 24 28.66 11.38 46.29
C LEU A 24 28.62 10.27 45.22
N ILE A 25 27.95 10.53 44.11
CA ILE A 25 27.77 9.50 43.08
C ILE A 25 27.66 10.18 41.72
N GLU A 26 28.18 9.50 40.70
CA GLU A 26 28.00 9.86 39.30
C GLU A 26 26.78 9.07 38.80
N GLU A 27 26.64 8.91 37.48
CA GLU A 27 25.68 7.99 36.84
C GLU A 27 25.71 6.62 37.51
N ASN A 28 24.52 6.03 37.67
CA ASN A 28 24.26 4.97 38.63
C ASN A 28 24.99 3.66 38.26
N VAL A 29 25.01 2.75 39.23
CA VAL A 29 25.75 1.50 39.14
C VAL A 29 24.77 0.35 39.33
N TYR A 30 25.12 -0.81 38.79
CA TYR A 30 24.25 -1.97 38.79
C TYR A 30 24.93 -3.13 39.50
N LEU A 31 24.13 -4.15 39.85
CA LEU A 31 24.63 -5.30 40.59
C LEU A 31 24.56 -6.58 39.78
N THR A 32 23.39 -6.92 39.23
CA THR A 32 23.21 -8.18 38.52
C THR A 32 22.81 -7.94 37.07
N GLU A 33 23.56 -7.07 36.39
CA GLU A 33 23.23 -6.71 35.01
C GLU A 33 23.59 -7.88 34.08
N ARG A 34 22.61 -8.34 33.32
CA ARG A 34 22.81 -9.35 32.29
C ARG A 34 22.42 -8.79 30.93
N LYS A 35 22.82 -9.49 29.87
CA LYS A 35 22.65 -8.99 28.51
C LYS A 35 21.31 -9.43 27.90
N LYS A 36 20.24 -9.23 28.65
CA LYS A 36 18.88 -9.46 28.16
C LYS A 36 18.13 -8.13 28.27
N ASN A 37 18.04 -7.42 27.14
CA ASN A 37 17.44 -6.10 27.08
C ASN A 37 17.16 -5.80 25.61
N LYS A 38 16.50 -4.67 25.35
CA LYS A 38 16.27 -4.20 23.98
C LYS A 38 17.35 -3.24 23.52
N SER A 39 18.55 -3.32 24.11
CA SER A 39 19.63 -2.34 23.95
C SER A 39 20.16 -2.22 22.53
N HIS A 40 20.71 -3.29 21.97
CA HIS A 40 21.38 -3.23 20.68
C HIS A 40 20.86 -4.31 19.74
N ARG A 41 19.55 -4.47 19.68
CA ARG A 41 18.93 -5.33 18.69
C ARG A 41 17.83 -4.63 17.90
N ASP A 42 17.04 -3.79 18.56
CA ASP A 42 16.06 -2.94 17.89
C ASP A 42 16.17 -1.46 18.24
N ILE A 43 16.87 -1.11 19.32
CA ILE A 43 17.11 0.27 19.71
C ILE A 43 18.60 0.50 19.49
N LYS A 44 19.13 -0.14 18.44
CA LYS A 44 20.49 0.09 17.98
C LYS A 44 20.75 1.57 17.73
N ARG A 45 19.93 2.18 16.87
CA ARG A 45 19.90 3.61 16.70
C ARG A 45 18.46 4.05 16.48
N MET A 46 18.11 5.20 17.03
CA MET A 46 16.83 5.87 16.75
C MET A 46 17.20 7.28 16.32
N GLN A 47 17.53 7.43 15.04
CA GLN A 47 18.06 8.68 14.52
C GLN A 47 16.92 9.61 14.14
N CYS A 48 17.07 10.88 14.49
CA CYS A 48 16.09 11.89 14.13
C CYS A 48 16.16 12.19 12.63
N GLU A 49 15.08 12.77 12.13
CA GLU A 49 14.99 13.18 10.73
C GLU A 49 15.15 14.69 10.68
N CYS A 50 16.38 15.14 10.46
CA CYS A 50 16.70 16.56 10.42
C CYS A 50 17.62 16.83 9.23
N THR A 51 17.33 17.92 8.50
CA THR A 51 18.18 18.39 7.41
C THR A 51 18.69 19.77 7.79
N PRO A 52 19.78 19.84 8.57
CA PRO A 52 20.22 21.14 9.10
C PRO A 52 21.14 21.88 8.13
N LEU A 53 21.63 23.04 8.56
CA LEU A 53 22.65 23.78 7.85
C LEU A 53 23.95 23.87 8.63
N SER A 54 23.87 24.26 9.91
CA SER A 54 24.94 24.21 10.92
C SER A 54 26.13 25.10 10.60
N LYS A 55 26.05 25.95 9.57
CA LYS A 55 27.12 26.87 9.24
C LYS A 55 26.79 28.32 9.59
N ASP A 56 25.57 28.59 10.06
CA ASP A 56 25.13 29.96 10.39
C ASP A 56 24.62 29.96 11.83
N GLU A 57 25.52 30.21 12.76
CA GLU A 57 25.18 30.45 14.16
C GLU A 57 25.46 31.90 14.51
N ARG A 58 24.78 32.37 15.56
CA ARG A 58 24.84 33.70 16.18
C ARG A 58 24.28 34.80 15.28
N ALA A 59 23.82 34.49 14.07
CA ALA A 59 23.22 35.46 13.15
C ALA A 59 22.34 34.67 12.20
N GLN A 60 21.02 34.89 12.29
CA GLN A 60 19.99 34.06 11.65
C GLN A 60 20.18 32.59 12.00
N GLY A 61 20.46 32.32 13.27
CA GLY A 61 20.80 30.98 13.71
C GLY A 61 19.79 30.33 14.62
N GLU A 62 19.11 29.30 14.11
CA GLU A 62 18.24 28.48 14.94
C GLU A 62 19.06 27.43 15.67
N ILE A 63 18.73 27.17 16.93
CA ILE A 63 19.44 26.16 17.70
C ILE A 63 19.08 24.77 17.18
N ALA A 64 20.06 23.87 17.18
CA ALA A 64 19.90 22.57 16.54
C ALA A 64 19.11 21.62 17.44
N CYS A 65 18.15 20.93 16.83
CA CYS A 65 17.28 19.93 17.47
C CYS A 65 16.52 20.51 18.65
N GLY A 66 15.65 21.48 18.34
CA GLY A 66 14.82 22.10 19.35
C GLY A 66 13.58 21.31 19.69
N GLU A 67 12.45 21.98 19.85
CA GLU A 67 11.19 21.33 20.19
C GLU A 67 10.42 20.85 18.96
N ASP A 68 11.09 20.75 17.81
CA ASP A 68 10.52 20.15 16.61
C ASP A 68 11.20 18.84 16.24
N CYS A 69 12.11 18.36 17.08
CA CYS A 69 12.80 17.10 16.82
C CYS A 69 11.89 15.92 17.11
N LEU A 70 12.16 14.80 16.43
CA LEU A 70 11.38 13.60 16.64
C LEU A 70 11.74 12.92 17.96
N ASN A 71 12.95 13.16 18.47
CA ASN A 71 13.40 12.49 19.68
C ASN A 71 13.05 13.25 20.96
N ARG A 72 13.03 14.59 20.91
CA ARG A 72 12.69 15.35 22.11
C ARG A 72 11.20 15.25 22.44
N LEU A 73 10.36 15.11 21.42
CA LEU A 73 8.92 14.97 21.67
C LEU A 73 8.60 13.60 22.25
N LEU A 74 9.37 12.58 21.90
CA LEU A 74 9.13 11.22 22.37
C LEU A 74 10.00 10.85 23.56
N MET A 75 10.63 11.84 24.21
CA MET A 75 11.40 11.69 25.45
C MET A 75 12.57 10.70 25.28
N ILE A 76 13.37 10.98 24.24
CA ILE A 76 14.56 10.19 23.92
C ILE A 76 15.68 11.17 23.59
N GLU A 77 16.86 10.95 24.18
CA GLU A 77 18.03 11.74 23.81
C GLU A 77 18.78 11.06 22.67
N CYS A 78 19.41 11.87 21.83
CA CYS A 78 20.09 11.38 20.63
C CYS A 78 21.40 10.68 20.98
N SER A 79 21.93 9.95 20.01
CA SER A 79 23.20 9.28 20.12
C SER A 79 24.30 10.13 19.50
N SER A 80 25.50 9.56 19.38
CA SER A 80 26.61 10.26 18.75
C SER A 80 26.53 10.28 17.23
N ARG A 81 25.65 9.46 16.65
CA ARG A 81 25.47 9.39 15.20
C ARG A 81 24.49 10.42 14.67
N CYS A 82 24.22 11.48 15.43
CA CYS A 82 23.29 12.52 15.03
C CYS A 82 23.85 13.30 13.83
N PRO A 83 22.97 13.74 12.91
CA PRO A 83 23.45 14.60 11.81
C PRO A 83 23.96 15.96 12.27
N ASN A 84 23.53 16.44 13.44
CA ASN A 84 24.13 17.65 14.00
C ASN A 84 25.47 17.37 14.65
N GLY A 85 25.70 16.12 15.07
CA GLY A 85 26.98 15.72 15.65
C GLY A 85 27.20 16.26 17.05
N ASP A 86 28.16 17.18 17.18
CA ASP A 86 28.48 17.78 18.46
C ASP A 86 27.82 19.14 18.64
N TYR A 87 26.75 19.41 17.89
CA TYR A 87 25.96 20.63 18.04
C TYR A 87 24.52 20.35 18.45
N CYS A 88 24.14 19.07 18.59
CA CYS A 88 22.80 18.72 19.04
C CYS A 88 22.63 19.06 20.52
N SER A 89 21.41 19.49 20.87
CA SER A 89 21.11 19.92 22.23
C SER A 89 20.26 18.92 23.00
N ASN A 90 19.97 17.75 22.41
CA ASN A 90 19.22 16.73 23.14
C ASN A 90 20.08 16.08 24.21
N ARG A 91 21.37 15.89 23.92
CA ARG A 91 22.26 15.13 24.81
C ARG A 91 22.60 15.93 26.07
N ARG A 92 21.64 16.01 27.00
CA ARG A 92 21.81 16.74 28.24
C ARG A 92 22.21 15.87 29.42
N PHE A 93 21.96 14.56 29.37
CA PHE A 93 22.45 13.67 30.41
C PHE A 93 23.89 13.26 30.20
N GLN A 94 24.44 13.50 29.00
CA GLN A 94 25.79 13.08 28.65
C GLN A 94 26.80 14.21 28.73
N ARG A 95 26.40 15.44 28.38
CA ARG A 95 27.27 16.61 28.51
C ARG A 95 27.14 17.27 29.87
N LYS A 96 26.28 16.73 30.75
CA LYS A 96 26.13 17.13 32.15
C LYS A 96 25.73 18.60 32.30
N GLN A 97 24.91 19.10 31.37
CA GLN A 97 24.38 20.46 31.48
C GLN A 97 23.34 20.50 32.58
N HIS A 98 23.64 21.18 33.68
CA HIS A 98 22.79 21.18 34.86
C HIS A 98 22.29 22.59 35.14
N ALA A 99 21.58 22.74 36.25
CA ALA A 99 21.08 24.03 36.70
C ALA A 99 21.79 24.44 37.99
N ASP A 100 21.75 25.74 38.26
CA ASP A 100 22.43 26.30 39.43
C ASP A 100 21.58 26.03 40.68
N VAL A 101 22.10 25.16 41.56
CA VAL A 101 21.37 24.74 42.75
C VAL A 101 22.20 25.09 43.98
N GLU A 102 21.51 25.11 45.12
CA GLU A 102 22.14 25.38 46.41
C GLU A 102 21.27 24.79 47.51
N VAL A 103 21.91 24.32 48.56
CA VAL A 103 21.24 23.60 49.65
C VAL A 103 21.49 24.38 50.94
N ILE A 104 20.45 25.06 51.44
CA ILE A 104 20.45 25.69 52.76
C ILE A 104 19.16 25.31 53.47
N LEU A 105 18.94 25.85 54.67
CA LEU A 105 17.78 25.52 55.46
C LEU A 105 16.65 26.50 55.18
N THR A 106 15.44 25.98 54.97
CA THR A 106 14.25 26.79 54.73
C THR A 106 13.23 26.63 55.84
N GLU A 107 12.85 25.41 56.18
CA GLU A 107 11.83 25.14 57.18
C GLU A 107 12.33 23.99 58.06
N LYS A 108 11.73 23.85 59.25
CA LYS A 108 12.11 22.79 60.20
C LYS A 108 11.62 21.41 59.77
N LYS A 109 10.93 21.27 58.63
CA LYS A 109 10.59 19.95 58.10
C LYS A 109 11.85 19.22 57.64
N GLY A 110 12.86 19.95 57.20
CA GLY A 110 14.12 19.35 56.81
C GLY A 110 14.88 20.27 55.86
N TRP A 111 15.89 19.69 55.22
CA TRP A 111 16.72 20.41 54.27
C TRP A 111 16.10 20.35 52.88
N GLY A 112 16.48 21.29 52.03
CA GLY A 112 15.96 21.36 50.68
C GLY A 112 16.79 22.22 49.77
N LEU A 113 16.14 22.77 48.75
CA LEU A 113 16.79 23.58 47.73
C LEU A 113 15.95 24.81 47.45
N ARG A 114 16.63 25.89 47.08
CA ARG A 114 15.97 27.10 46.61
C ARG A 114 16.70 27.61 45.38
N ALA A 115 15.95 28.19 44.45
CA ALA A 115 16.51 28.58 43.16
C ALA A 115 17.47 29.76 43.30
N ALA A 116 18.62 29.65 42.64
CA ALA A 116 19.60 30.73 42.67
C ALA A 116 19.16 31.90 41.80
N LYS A 117 18.92 31.63 40.51
CA LYS A 117 18.50 32.67 39.57
C LYS A 117 17.20 32.27 38.88
N ASP A 118 16.81 33.04 37.86
CA ASP A 118 15.61 32.73 37.11
C ASP A 118 15.82 31.48 36.27
N LEU A 119 14.75 30.69 36.13
CA LEU A 119 14.84 29.41 35.47
C LEU A 119 13.53 29.10 34.76
N PRO A 120 13.51 29.07 33.42
CA PRO A 120 12.24 28.93 32.69
C PRO A 120 11.64 27.52 32.75
N SER A 121 10.51 27.35 32.07
CA SER A 121 9.82 26.07 32.05
C SER A 121 10.53 25.08 31.13
N ASN A 122 10.29 23.78 31.41
CA ASN A 122 10.85 22.64 30.66
C ASN A 122 12.38 22.67 30.64
N THR A 123 12.98 23.05 31.75
CA THR A 123 14.43 23.17 31.86
C THR A 123 14.94 22.11 32.84
N PHE A 124 15.98 21.39 32.42
CA PHE A 124 16.54 20.33 33.24
C PHE A 124 17.29 20.89 34.45
N VAL A 125 17.14 20.22 35.59
CA VAL A 125 17.78 20.66 36.82
C VAL A 125 18.82 19.64 37.28
N LEU A 126 18.39 18.43 37.63
CA LEU A 126 19.27 17.43 38.21
C LEU A 126 18.79 16.03 37.86
N GLU A 127 19.73 15.10 37.80
CA GLU A 127 19.45 13.70 37.54
C GLU A 127 19.41 12.92 38.86
N TYR A 128 18.40 12.07 39.02
CA TYR A 128 18.32 11.20 40.19
C TYR A 128 19.28 10.03 40.00
N CYS A 129 20.31 9.96 40.84
CA CYS A 129 21.31 8.90 40.77
C CYS A 129 21.42 8.19 42.11
N GLY A 130 21.64 6.87 42.05
CA GLY A 130 21.77 6.08 43.26
C GLY A 130 22.27 4.67 43.00
N GLU A 131 21.85 3.71 43.84
CA GLU A 131 22.28 2.33 43.74
C GLU A 131 21.10 1.46 43.37
N VAL A 132 21.26 0.65 42.33
CA VAL A 132 20.17 -0.12 41.76
C VAL A 132 20.10 -1.48 42.44
N LEU A 133 18.94 -1.79 43.01
CA LEU A 133 18.71 -3.07 43.67
C LEU A 133 18.08 -4.07 42.69
N ASP A 134 17.56 -5.16 43.22
CA ASP A 134 17.00 -6.24 42.41
C ASP A 134 15.81 -6.84 43.17
N HIS A 135 15.43 -8.07 42.81
CA HIS A 135 14.22 -8.69 43.34
C HIS A 135 14.37 -9.04 44.82
N LYS A 136 15.41 -9.80 45.16
CA LYS A 136 15.48 -10.42 46.48
C LYS A 136 15.94 -9.44 47.56
N GLU A 137 16.90 -8.57 47.24
CA GLU A 137 17.56 -7.75 48.25
C GLU A 137 16.66 -6.66 48.83
N PHE A 138 15.61 -6.24 48.11
CA PHE A 138 14.80 -5.11 48.55
C PHE A 138 14.00 -5.44 49.81
N LYS A 139 13.26 -6.55 49.78
CA LYS A 139 12.41 -6.93 50.91
C LYS A 139 13.20 -7.47 52.09
N ALA A 140 14.51 -7.70 51.94
CA ALA A 140 15.36 -8.02 53.07
C ALA A 140 16.03 -6.78 53.66
N ARG A 141 16.52 -5.87 52.80
CA ARG A 141 17.14 -4.66 53.31
C ARG A 141 16.15 -3.67 53.89
N VAL A 142 14.88 -3.69 53.45
CA VAL A 142 13.94 -2.74 54.04
C VAL A 142 13.59 -3.15 55.48
N LYS A 143 13.52 -4.45 55.76
CA LYS A 143 13.28 -4.89 57.13
C LYS A 143 14.57 -4.95 57.96
N GLU A 144 15.72 -4.99 57.30
CA GLU A 144 16.98 -4.83 58.02
C GLU A 144 17.23 -3.37 58.39
N TYR A 145 16.71 -2.43 57.60
CA TYR A 145 16.96 -1.01 57.81
C TYR A 145 15.85 -0.29 58.55
N ALA A 146 14.65 -0.88 58.61
CA ALA A 146 13.56 -0.26 59.38
C ALA A 146 13.83 -0.30 60.88
N ARG A 147 14.62 -1.28 61.34
CA ARG A 147 14.99 -1.38 62.74
C ARG A 147 16.21 -0.53 63.10
N ASN A 148 16.66 0.35 62.22
CA ASN A 148 17.77 1.25 62.50
C ASN A 148 17.31 2.66 62.83
N LYS A 149 15.99 2.90 62.83
CA LYS A 149 15.35 4.14 63.31
C LYS A 149 15.80 5.36 62.49
N ASN A 150 15.62 5.27 61.18
CA ASN A 150 15.92 6.37 60.28
C ASN A 150 14.64 7.11 59.90
N ILE A 151 14.77 8.40 59.66
CA ILE A 151 13.66 9.24 59.23
C ILE A 151 13.50 9.22 57.72
N HIS A 152 14.58 9.46 56.99
CA HIS A 152 14.55 9.60 55.54
C HIS A 152 14.80 8.26 54.87
N TYR A 153 13.90 7.87 53.97
CA TYR A 153 14.04 6.66 53.16
C TYR A 153 14.21 7.06 51.71
N TYR A 154 15.38 6.78 51.14
CA TYR A 154 15.71 7.19 49.79
C TYR A 154 15.47 6.03 48.82
N PHE A 155 14.20 5.76 48.57
CA PHE A 155 13.77 4.68 47.68
C PHE A 155 12.92 5.25 46.55
N MET A 156 13.27 4.91 45.31
CA MET A 156 12.48 5.27 44.15
C MET A 156 12.38 4.06 43.23
N ALA A 157 11.15 3.66 42.90
CA ALA A 157 10.93 2.47 42.07
C ALA A 157 11.05 2.85 40.60
N LEU A 158 12.09 2.34 39.94
CA LEU A 158 12.26 2.60 38.51
C LEU A 158 11.20 1.88 37.69
N LYS A 159 11.01 0.59 37.95
CA LYS A 159 10.01 -0.22 37.27
C LYS A 159 9.35 -1.11 38.33
N ASN A 160 8.62 -2.14 37.88
CA ASN A 160 7.94 -3.05 38.78
C ASN A 160 8.90 -3.92 39.60
N ASP A 161 10.17 -4.01 39.19
CA ASP A 161 11.14 -4.83 39.90
C ASP A 161 12.43 -4.10 40.26
N GLU A 162 12.56 -2.82 39.92
CA GLU A 162 13.80 -2.07 40.12
C GLU A 162 13.52 -0.89 41.05
N ILE A 163 14.23 -0.84 42.17
CA ILE A 163 14.10 0.22 43.16
C ILE A 163 15.51 0.75 43.46
N ILE A 164 15.70 2.06 43.28
CA ILE A 164 17.01 2.69 43.39
C ILE A 164 17.18 3.29 44.77
N ASP A 165 18.27 2.92 45.44
CA ASP A 165 18.62 3.48 46.75
C ASP A 165 19.59 4.64 46.57
N ALA A 166 19.25 5.78 47.16
CA ALA A 166 20.11 6.96 47.16
C ALA A 166 20.51 7.34 48.58
N THR A 167 20.82 6.34 49.40
CA THR A 167 21.18 6.55 50.80
C THR A 167 22.68 6.47 51.04
N GLN A 168 23.33 5.39 50.58
CA GLN A 168 24.77 5.23 50.77
C GLN A 168 25.54 6.20 49.88
N LYS A 169 25.06 6.43 48.66
CA LYS A 169 25.66 7.40 47.75
C LYS A 169 24.53 8.19 47.10
N GLY A 170 24.68 9.51 47.07
CA GLY A 170 23.64 10.36 46.52
C GLY A 170 24.21 11.66 46.00
N ASN A 171 23.59 12.18 44.95
CA ASN A 171 23.95 13.46 44.36
C ASN A 171 23.16 14.58 45.05
N CYS A 172 23.14 15.77 44.46
CA CYS A 172 22.46 16.92 45.06
C CYS A 172 20.93 16.88 44.92
N SER A 173 20.37 15.85 44.29
CA SER A 173 18.92 15.72 44.14
C SER A 173 18.28 14.96 45.29
N ARG A 174 19.03 14.59 46.32
CA ARG A 174 18.49 13.84 47.44
C ARG A 174 17.84 14.72 48.50
N PHE A 175 18.04 16.03 48.44
CA PHE A 175 17.53 16.92 49.46
C PHE A 175 16.17 17.52 49.13
N MET A 176 15.66 17.29 47.91
CA MET A 176 14.47 17.99 47.46
C MET A 176 13.21 17.42 48.13
N ASN A 177 12.31 18.33 48.53
CA ASN A 177 11.22 18.03 49.45
C ASN A 177 9.92 17.75 48.70
N HIS A 178 8.83 17.64 49.47
CA HIS A 178 7.49 17.40 48.96
C HIS A 178 6.58 18.58 49.29
N SER A 179 5.72 18.93 48.34
CA SER A 179 4.68 19.93 48.57
C SER A 179 3.49 19.60 47.68
N CYS A 180 2.31 20.05 48.12
CA CYS A 180 1.09 19.85 47.35
C CYS A 180 0.92 20.87 46.23
N GLU A 181 1.83 21.83 46.11
CA GLU A 181 1.89 22.75 44.98
C GLU A 181 3.21 22.52 44.27
N PRO A 182 3.29 21.55 43.34
CA PRO A 182 4.57 21.28 42.68
C PRO A 182 4.86 22.25 41.57
N ASN A 183 6.12 22.68 41.51
CA ASN A 183 6.63 23.45 40.38
C ASN A 183 7.63 22.70 39.53
N CYS A 184 8.25 21.66 40.08
CA CYS A 184 9.06 20.71 39.33
C CYS A 184 8.39 19.35 39.36
N GLU A 185 8.91 18.43 38.55
CA GLU A 185 8.34 17.10 38.44
C GLU A 185 9.44 16.14 37.99
N THR A 186 9.04 14.90 37.70
CA THR A 186 9.94 13.84 37.27
C THR A 186 9.49 13.34 35.90
N GLN A 187 10.46 12.99 35.06
CA GLN A 187 10.18 12.41 33.76
C GLN A 187 11.08 11.19 33.53
N LYS A 188 10.68 10.35 32.58
CA LYS A 188 11.36 9.09 32.27
C LYS A 188 11.99 9.20 30.88
N TRP A 189 13.27 9.55 30.86
CA TRP A 189 14.05 9.69 29.63
C TRP A 189 14.86 8.42 29.36
N THR A 190 14.97 8.07 28.07
CA THR A 190 15.66 6.86 27.63
C THR A 190 16.95 7.28 26.94
N VAL A 191 18.08 7.05 27.60
CA VAL A 191 19.39 7.43 27.11
C VAL A 191 20.24 6.17 26.98
N ASN A 192 20.79 5.95 25.78
CA ASN A 192 21.67 4.83 25.44
C ASN A 192 20.99 3.48 25.69
N GLY A 193 19.69 3.41 25.45
CA GLY A 193 18.91 2.23 25.72
C GLY A 193 18.43 2.09 27.15
N GLN A 194 19.11 2.71 28.11
CA GLN A 194 18.75 2.59 29.52
C GLN A 194 17.82 3.73 29.93
N LEU A 195 16.92 3.41 30.86
CA LEU A 195 15.96 4.39 31.36
C LEU A 195 16.57 5.20 32.50
N ARG A 196 16.41 6.52 32.43
CA ARG A 196 16.93 7.42 33.45
C ARG A 196 15.85 8.38 33.91
N VAL A 197 15.95 8.83 35.15
CA VAL A 197 14.96 9.70 35.78
C VAL A 197 15.57 11.08 35.95
N GLY A 198 14.85 12.10 35.48
CA GLY A 198 15.30 13.47 35.55
C GLY A 198 14.31 14.36 36.29
N PHE A 199 14.65 15.65 36.32
CA PHE A 199 13.84 16.68 36.96
C PHE A 199 13.72 17.87 36.04
N PHE A 200 12.50 18.18 35.62
CA PHE A 200 12.23 19.36 34.81
C PHE A 200 11.40 20.37 35.60
N THR A 201 11.47 21.62 35.17
CA THR A 201 10.63 22.68 35.70
C THR A 201 9.37 22.82 34.86
N THR A 202 8.35 23.47 35.44
CA THR A 202 7.07 23.64 34.78
C THR A 202 6.66 25.09 34.56
N LYS A 203 7.17 26.03 35.35
CA LYS A 203 6.78 27.43 35.23
C LYS A 203 7.98 28.35 35.24
N LEU A 204 7.75 29.66 35.34
CA LEU A 204 8.81 30.65 35.44
C LEU A 204 9.08 30.89 36.92
N VAL A 205 10.03 30.14 37.47
CA VAL A 205 10.35 30.23 38.90
C VAL A 205 11.21 31.47 39.14
N PRO A 206 10.82 32.35 40.05
CA PRO A 206 11.63 33.54 40.33
C PRO A 206 12.92 33.18 41.05
N SER A 207 13.86 34.13 41.03
CA SER A 207 15.13 33.97 41.72
C SER A 207 14.91 34.03 43.22
N GLY A 208 15.21 32.92 43.90
CA GLY A 208 14.95 32.83 45.33
C GLY A 208 13.63 32.20 45.69
N SER A 209 13.14 31.27 44.88
CA SER A 209 11.88 30.58 45.15
C SER A 209 12.13 29.08 45.25
N GLU A 210 11.16 28.38 45.83
CA GLU A 210 11.32 26.97 46.15
C GLU A 210 11.23 26.10 44.88
N LEU A 211 11.96 24.99 44.91
CA LEU A 211 11.96 24.00 43.83
C LEU A 211 11.78 22.63 44.45
N THR A 212 10.54 22.16 44.52
CA THR A 212 10.20 20.83 45.01
C THR A 212 9.45 20.07 43.93
N PHE A 213 9.19 18.78 44.18
CA PHE A 213 8.46 17.95 43.24
C PHE A 213 7.43 17.13 44.00
N ASP A 214 6.37 16.75 43.29
CA ASP A 214 5.26 16.03 43.90
C ASP A 214 5.61 14.56 44.07
N TYR A 215 5.36 14.03 45.27
CA TYR A 215 5.48 12.60 45.48
C TYR A 215 4.22 11.89 45.01
N GLN A 216 4.41 10.76 44.34
CA GLN A 216 3.34 9.77 44.22
C GLN A 216 3.29 9.02 45.54
N PHE A 217 2.23 9.29 46.32
CA PHE A 217 2.20 8.95 47.74
C PHE A 217 2.23 7.44 47.98
N GLN A 218 2.89 7.05 49.06
CA GLN A 218 3.13 5.63 49.35
C GLN A 218 3.43 5.47 50.83
N ARG A 219 2.82 4.45 51.43
CA ARG A 219 3.20 3.97 52.75
C ARG A 219 3.65 2.52 52.64
N TYR A 220 4.56 2.12 53.53
CA TYR A 220 5.03 0.75 53.57
C TYR A 220 4.81 0.07 54.90
N GLY A 221 4.77 0.81 56.01
CA GLY A 221 4.57 0.25 57.33
C GLY A 221 3.23 0.64 57.92
N LYS A 222 3.18 0.56 59.26
CA LYS A 222 1.94 0.87 59.97
C LYS A 222 1.81 2.35 60.26
N GLU A 223 2.92 3.04 60.49
CA GLU A 223 2.90 4.45 60.86
C GLU A 223 2.58 5.33 59.66
N ALA A 224 2.37 6.61 59.94
CA ALA A 224 2.06 7.60 58.92
C ALA A 224 2.86 8.86 59.16
N GLN A 225 3.06 9.63 58.09
CA GLN A 225 3.76 10.91 58.17
C GLN A 225 2.89 12.00 57.54
N LYS A 226 3.27 13.25 57.78
CA LYS A 226 2.50 14.39 57.33
C LYS A 226 3.44 15.48 56.85
N CYS A 227 2.96 16.30 55.92
CA CYS A 227 3.75 17.36 55.32
C CYS A 227 3.49 18.68 56.03
N PHE A 228 4.48 19.57 55.96
CA PHE A 228 4.46 20.83 56.70
C PHE A 228 4.39 22.06 55.80
N CYS A 229 4.08 21.89 54.51
CA CYS A 229 4.07 23.03 53.61
C CYS A 229 2.82 23.87 53.77
N GLY A 230 1.66 23.29 53.46
CA GLY A 230 0.39 23.99 53.60
C GLY A 230 0.17 25.09 52.59
N SER A 231 0.34 24.78 51.30
CA SER A 231 0.14 25.78 50.24
C SER A 231 -1.31 26.24 50.15
N ALA A 232 -2.21 25.36 49.70
CA ALA A 232 -3.64 25.66 49.78
C ALA A 232 -4.52 24.47 50.17
N ASN A 233 -4.12 23.24 49.87
CA ASN A 233 -4.96 22.05 50.12
C ASN A 233 -4.11 20.88 50.59
N CYS A 234 -3.20 21.12 51.54
CA CYS A 234 -2.25 20.11 51.96
C CYS A 234 -2.94 19.03 52.76
N ARG A 235 -3.00 17.81 52.20
CA ARG A 235 -3.53 16.67 52.92
C ARG A 235 -2.61 16.24 54.04
N GLY A 236 -1.29 16.25 53.80
CA GLY A 236 -0.32 15.83 54.79
C GLY A 236 -0.17 14.32 54.86
N TYR A 237 -1.23 13.64 55.30
CA TYR A 237 -1.20 12.19 55.45
C TYR A 237 -1.34 11.51 54.09
N LEU A 238 -1.48 10.19 54.13
CA LEU A 238 -1.53 9.38 52.91
C LEU A 238 -2.94 9.38 52.33
N GLY A 239 -3.17 8.55 51.32
CA GLY A 239 -4.48 8.46 50.69
C GLY A 239 -5.37 7.41 51.31
N GLY A 240 -5.45 7.39 52.64
CA GLY A 240 -6.31 6.45 53.33
C GLY A 240 -5.60 5.20 53.80
N GLU A 241 -6.24 4.05 53.61
CA GLU A 241 -5.77 2.76 54.10
C GLU A 241 -5.22 1.87 52.98
N ASN A 242 -4.57 2.48 52.00
CA ASN A 242 -4.02 1.74 50.87
C ASN A 242 -2.81 0.92 51.30
N ARG A 243 -2.51 -0.13 50.51
CA ARG A 243 -1.41 -1.03 50.82
C ARG A 243 -0.61 -1.44 49.59
N VAL A 244 -0.77 -0.73 48.47
CA VAL A 244 -0.18 -1.14 47.20
C VAL A 244 1.33 -0.89 47.25
N SER A 245 2.10 -1.98 47.24
CA SER A 245 3.57 -2.00 47.28
C SER A 245 4.16 -1.23 48.46
N GLY B 1 7.30 6.35 55.47
CA GLY B 1 8.32 6.02 54.49
C GLY B 1 7.84 5.05 53.43
N GLY B 2 7.61 5.57 52.22
CA GLY B 2 7.15 4.76 51.12
C GLY B 2 7.98 4.98 49.87
N VAL B 3 7.88 4.01 48.97
CA VAL B 3 8.62 4.05 47.71
C VAL B 3 7.74 4.70 46.66
N MET B 4 8.15 5.88 46.19
CA MET B 4 7.36 6.63 45.23
C MET B 4 7.77 6.26 43.80
N LYS B 5 6.78 6.14 42.92
CA LYS B 5 7.02 5.98 41.50
C LYS B 5 7.19 7.35 40.85
N PRO B 6 8.05 7.48 39.82
CA PRO B 6 8.33 8.80 39.25
C PRO B 6 7.15 9.49 38.55
N HIS B 7 6.59 8.88 37.52
CA HIS B 7 5.64 9.56 36.64
C HIS B 7 4.95 8.50 35.80
N ARG B 8 4.16 8.92 34.82
CA ARG B 8 3.49 8.03 33.89
C ARG B 8 3.43 8.74 32.54
N TYR B 9 3.64 8.00 31.46
CA TYR B 9 3.69 8.59 30.13
C TYR B 9 2.33 9.10 29.69
N ARG B 10 2.35 10.24 28.99
CA ARG B 10 1.13 10.79 28.41
C ARG B 10 0.66 9.87 27.27
N PRO B 11 -0.66 9.76 27.05
CA PRO B 11 -1.16 8.86 25.99
C PRO B 11 -0.83 9.33 24.58
N GLY B 12 -0.04 8.54 23.87
CA GLY B 12 0.36 8.87 22.52
C GLY B 12 1.85 8.75 22.28
N THR B 13 2.65 8.95 23.34
CA THR B 13 4.10 8.91 23.21
C THR B 13 4.59 7.48 22.95
N VAL B 14 4.12 6.53 23.75
CA VAL B 14 4.47 5.13 23.56
C VAL B 14 3.90 4.60 22.24
N ALA B 15 2.74 5.14 21.81
CA ALA B 15 2.15 4.72 20.55
C ALA B 15 2.97 5.20 19.36
N LEU B 16 3.45 6.45 19.38
CA LEU B 16 4.31 6.94 18.31
C LEU B 16 5.68 6.26 18.33
N ARG B 17 6.17 5.91 19.53
CA ARG B 17 7.40 5.15 19.65
C ARG B 17 7.25 3.77 19.02
N GLU B 18 6.09 3.13 19.20
CA GLU B 18 5.84 1.85 18.55
C GLU B 18 5.64 2.00 17.05
N ILE B 19 5.09 3.14 16.60
CA ILE B 19 4.98 3.41 15.16
C ILE B 19 6.37 3.47 14.53
N ARG B 20 7.30 4.19 15.17
CA ARG B 20 8.68 4.24 14.65
C ARG B 20 9.36 2.87 14.74
N ARG B 21 9.13 2.14 15.84
CA ARG B 21 9.79 0.86 16.05
C ARG B 21 9.34 -0.19 15.05
N TYR B 22 8.06 -0.20 14.67
CA TYR B 22 7.58 -1.18 13.72
C TYR B 22 7.61 -0.68 12.28
N GLN B 23 7.84 0.61 12.03
CA GLN B 23 8.17 1.04 10.68
C GLN B 23 9.66 0.93 10.38
N LYS B 24 10.51 0.80 11.41
CA LYS B 24 11.93 0.61 11.13
C LYS B 24 12.27 -0.83 10.77
N SER B 25 11.62 -1.81 11.41
CA SER B 25 12.01 -3.20 11.25
C SER B 25 11.28 -3.84 10.06
N THR B 26 11.74 -5.04 9.68
CA THR B 26 11.17 -5.85 8.60
C THR B 26 11.10 -7.28 9.11
N GLU B 27 9.94 -7.68 9.63
CA GLU B 27 9.77 -9.02 10.19
C GLU B 27 8.31 -9.43 10.05
N LEU B 28 8.03 -10.67 10.46
CA LEU B 28 6.68 -11.19 10.48
C LEU B 28 6.00 -10.80 11.78
N LEU B 29 4.82 -10.19 11.67
CA LEU B 29 4.10 -9.62 12.81
C LEU B 29 3.02 -10.53 13.36
N ILE B 30 2.72 -11.63 12.68
CA ILE B 30 1.68 -12.57 13.08
C ILE B 30 2.35 -13.88 13.46
N ARG B 31 1.82 -14.54 14.50
CA ARG B 31 2.31 -15.85 14.90
C ARG B 31 2.08 -16.86 13.78
N LYS B 32 3.01 -17.82 13.67
CA LYS B 32 3.05 -18.69 12.49
C LYS B 32 2.11 -19.89 12.60
N LEU B 33 2.04 -20.53 13.75
CA LEU B 33 1.19 -21.71 13.93
C LEU B 33 -0.31 -21.42 13.95
N PRO B 34 -0.83 -20.33 14.59
CA PRO B 34 -2.26 -20.02 14.37
C PRO B 34 -2.60 -19.67 12.93
N PHE B 35 -1.68 -19.00 12.21
CA PHE B 35 -1.90 -18.72 10.79
C PHE B 35 -1.93 -20.01 9.97
N GLN B 36 -1.05 -20.96 10.29
CA GLN B 36 -1.04 -22.23 9.58
C GLN B 36 -2.30 -23.04 9.85
N ARG B 37 -2.76 -23.04 11.10
CA ARG B 37 -4.01 -23.74 11.43
C ARG B 37 -5.21 -23.08 10.75
N LEU B 38 -5.22 -21.75 10.66
CA LEU B 38 -6.29 -21.04 9.96
C LEU B 38 -6.31 -21.36 8.47
N VAL B 39 -5.12 -21.39 7.83
CA VAL B 39 -5.03 -21.69 6.41
C VAL B 39 -5.45 -23.13 6.12
N ARG B 40 -5.05 -24.07 6.98
CA ARG B 40 -5.46 -25.46 6.79
C ARG B 40 -6.96 -25.65 7.03
N GLU B 41 -7.53 -24.94 8.01
CA GLU B 41 -8.96 -25.02 8.28
C GLU B 41 -9.79 -24.48 7.12
N ILE B 42 -9.39 -23.32 6.57
CA ILE B 42 -10.14 -22.80 5.43
C ILE B 42 -9.82 -23.50 4.13
N ALA B 43 -8.74 -24.29 4.08
CA ALA B 43 -8.44 -25.09 2.90
C ALA B 43 -9.07 -26.47 2.96
N GLN B 44 -9.59 -26.90 4.12
CA GLN B 44 -10.37 -28.13 4.16
C GLN B 44 -11.72 -28.00 3.45
N ASP B 45 -12.19 -26.78 3.20
CA ASP B 45 -13.49 -26.59 2.56
C ASP B 45 -13.47 -26.82 1.05
N PHE B 46 -12.28 -26.87 0.43
CA PHE B 46 -12.18 -27.01 -1.02
C PHE B 46 -11.72 -28.38 -1.47
N LYS B 47 -10.86 -29.04 -0.71
CA LYS B 47 -10.38 -30.38 -1.04
C LYS B 47 -9.92 -31.07 0.23
N THR B 48 -10.54 -32.20 0.56
CA THR B 48 -10.14 -32.96 1.73
C THR B 48 -8.80 -33.64 1.50
N ASP B 49 -8.02 -33.75 2.59
CA ASP B 49 -6.71 -34.43 2.63
C ASP B 49 -5.73 -33.80 1.66
N LEU B 50 -5.42 -32.52 1.90
CA LEU B 50 -4.39 -31.81 1.16
C LEU B 50 -3.07 -31.88 1.91
N ARG B 51 -2.05 -31.23 1.35
CA ARG B 51 -0.72 -31.17 1.95
C ARG B 51 -0.06 -29.88 1.48
N PHE B 52 0.68 -29.24 2.38
CA PHE B 52 1.25 -27.93 2.15
C PHE B 52 2.77 -27.96 2.29
N GLN B 53 3.42 -27.01 1.65
CA GLN B 53 4.84 -26.76 1.85
C GLN B 53 5.00 -25.64 2.88
N SER B 54 6.23 -25.17 3.08
CA SER B 54 6.49 -24.06 4.00
C SER B 54 6.55 -22.71 3.32
N ALA B 55 7.16 -22.64 2.12
CA ALA B 55 7.16 -21.40 1.35
C ALA B 55 5.78 -21.04 0.83
N ALA B 56 4.91 -22.04 0.63
CA ALA B 56 3.54 -21.78 0.21
C ALA B 56 2.70 -21.11 1.29
N ILE B 57 3.11 -21.21 2.55
CA ILE B 57 2.40 -20.57 3.65
C ILE B 57 3.12 -19.26 3.97
N GLY B 58 4.44 -19.24 3.77
CA GLY B 58 5.19 -18.00 3.93
C GLY B 58 4.79 -16.93 2.93
N ALA B 59 4.53 -17.32 1.69
CA ALA B 59 4.08 -16.36 0.68
C ALA B 59 2.69 -15.84 0.99
N LEU B 60 1.81 -16.71 1.51
CA LEU B 60 0.48 -16.27 1.95
C LEU B 60 0.57 -15.29 3.10
N GLN B 61 1.50 -15.51 4.03
CA GLN B 61 1.64 -14.61 5.17
C GLN B 61 2.22 -13.26 4.75
N GLU B 62 3.17 -13.27 3.81
CA GLU B 62 3.71 -12.02 3.28
C GLU B 62 2.65 -11.21 2.55
N ALA B 63 1.87 -11.87 1.69
CA ALA B 63 0.81 -11.19 0.94
C ALA B 63 -0.28 -10.67 1.86
N SER B 64 -0.66 -11.45 2.89
CA SER B 64 -1.69 -11.02 3.82
C SER B 64 -1.25 -9.83 4.66
N GLU B 65 0.01 -9.84 5.13
CA GLU B 65 0.50 -8.71 5.90
C GLU B 65 0.64 -7.46 5.05
N ALA B 66 1.08 -7.60 3.80
CA ALA B 66 1.17 -6.43 2.91
C ALA B 66 -0.20 -5.86 2.60
N TYR B 67 -1.20 -6.74 2.39
CA TYR B 67 -2.56 -6.30 2.14
C TYR B 67 -3.15 -5.55 3.33
N LEU B 68 -2.94 -6.08 4.54
CA LEU B 68 -3.50 -5.42 5.73
C LEU B 68 -2.78 -4.10 6.02
N VAL B 69 -1.47 -4.02 5.78
CA VAL B 69 -0.74 -2.77 5.97
C VAL B 69 -1.21 -1.71 4.98
N GLY B 70 -1.43 -2.09 3.71
CA GLY B 70 -1.96 -1.13 2.74
C GLY B 70 -3.38 -0.69 3.06
N LEU B 71 -4.20 -1.61 3.58
CA LEU B 71 -5.56 -1.25 3.98
C LEU B 71 -5.56 -0.26 5.14
N PHE B 72 -4.68 -0.47 6.13
CA PHE B 72 -4.59 0.50 7.22
C PHE B 72 -3.98 1.82 6.79
N GLU B 73 -3.07 1.80 5.80
CA GLU B 73 -2.51 3.05 5.28
C GLU B 73 -3.55 3.90 4.56
N ASP B 74 -4.50 3.27 3.86
CA ASP B 74 -5.58 4.06 3.27
C ASP B 74 -6.63 4.45 4.31
N THR B 75 -6.86 3.58 5.29
CA THR B 75 -7.89 3.81 6.29
C THR B 75 -7.50 4.95 7.25
N ASN B 76 -6.20 5.10 7.52
CA ASN B 76 -5.73 6.22 8.32
C ASN B 76 -5.96 7.56 7.61
N LEU B 77 -5.79 7.59 6.28
CA LEU B 77 -6.09 8.80 5.52
C LEU B 77 -7.58 9.09 5.54
N CYS B 78 -8.42 8.05 5.48
CA CYS B 78 -9.87 8.23 5.64
C CYS B 78 -10.21 8.83 6.99
N ALA B 79 -9.59 8.33 8.06
CA ALA B 79 -9.89 8.82 9.41
C ALA B 79 -9.37 10.23 9.64
N ILE B 80 -8.26 10.61 8.99
CA ILE B 80 -7.77 11.97 9.09
C ILE B 80 -8.66 12.92 8.30
N HIS B 81 -9.15 12.48 7.13
CA HIS B 81 -10.07 13.30 6.35
C HIS B 81 -11.41 13.48 7.06
N ALA B 82 -11.80 12.53 7.91
CA ALA B 82 -13.00 12.68 8.72
C ALA B 82 -12.77 13.55 9.97
N LYS B 83 -11.60 14.20 10.09
CA LYS B 83 -11.22 15.08 11.20
C LYS B 83 -11.28 14.37 12.54
N ARG B 84 -10.59 13.24 12.62
CA ARG B 84 -10.50 12.43 13.83
C ARG B 84 -9.12 11.82 13.94
N VAL B 85 -8.89 11.14 15.07
CA VAL B 85 -7.68 10.37 15.30
C VAL B 85 -7.99 8.88 15.47
N THR B 86 -9.06 8.57 16.19
CA THR B 86 -9.53 7.19 16.35
C THR B 86 -10.03 6.64 15.01
N ILE B 87 -9.79 5.35 14.79
CA ILE B 87 -10.06 4.70 13.52
C ILE B 87 -11.32 3.86 13.67
N MET B 88 -12.29 4.09 12.78
CA MET B 88 -13.61 3.45 12.85
C MET B 88 -13.77 2.40 11.77
N PRO B 89 -14.71 1.45 11.94
CA PRO B 89 -15.00 0.51 10.84
C PRO B 89 -15.65 1.15 9.62
N LYS B 90 -16.33 2.29 9.79
CA LYS B 90 -16.86 3.01 8.64
C LYS B 90 -15.74 3.55 7.76
N ASP B 91 -14.56 3.83 8.35
CA ASP B 91 -13.41 4.21 7.56
C ASP B 91 -12.88 3.04 6.74
N ILE B 92 -12.87 1.84 7.32
CA ILE B 92 -12.48 0.63 6.61
C ILE B 92 -13.44 0.34 5.46
N GLN B 93 -14.74 0.51 5.70
CA GLN B 93 -15.73 0.28 4.67
C GLN B 93 -15.67 1.34 3.57
N LEU B 94 -15.33 2.59 3.92
CA LEU B 94 -15.14 3.61 2.90
C LEU B 94 -13.90 3.34 2.04
N ALA B 95 -12.82 2.87 2.68
CA ALA B 95 -11.61 2.54 1.93
C ALA B 95 -11.85 1.36 0.99
N ARG B 96 -12.56 0.33 1.45
CA ARG B 96 -12.88 -0.80 0.59
C ARG B 96 -13.91 -0.45 -0.47
N ARG B 97 -14.73 0.58 -0.25
CA ARG B 97 -15.67 1.01 -1.27
C ARG B 97 -14.98 1.80 -2.37
N ILE B 98 -14.14 2.77 -2.00
CA ILE B 98 -13.47 3.61 -2.99
C ILE B 98 -12.39 2.82 -3.73
N ARG B 99 -11.73 1.88 -3.07
CA ARG B 99 -10.70 1.09 -3.72
C ARG B 99 -11.28 0.16 -4.78
N GLY B 100 -12.49 -0.36 -4.55
CA GLY B 100 -13.13 -1.22 -5.53
C GLY B 100 -13.31 -2.64 -5.04
N GLU B 101 -13.47 -2.80 -3.73
CA GLU B 101 -13.57 -4.12 -3.14
C GLU B 101 -14.92 -4.32 -2.47
N ASP C 1 -12.57 -22.67 15.97
CA ASP C 1 -12.44 -21.25 15.68
C ASP C 1 -10.98 -20.82 15.75
N ASN C 2 -10.24 -21.01 14.65
CA ASN C 2 -8.87 -20.56 14.57
C ASN C 2 -8.75 -19.14 14.03
N ILE C 3 -9.88 -18.47 13.78
CA ILE C 3 -9.85 -17.05 13.44
C ILE C 3 -9.56 -16.20 14.67
N GLN C 4 -9.80 -16.74 15.87
CA GLN C 4 -9.44 -16.08 17.11
C GLN C 4 -7.95 -16.21 17.44
N GLY C 5 -7.22 -17.04 16.70
CA GLY C 5 -5.78 -17.12 16.87
C GLY C 5 -5.04 -15.91 16.35
N ILE C 6 -5.68 -15.13 15.48
CA ILE C 6 -5.14 -13.85 15.04
C ILE C 6 -5.50 -12.85 16.14
N THR C 7 -4.59 -12.67 17.09
CA THR C 7 -4.90 -12.01 18.35
C THR C 7 -5.04 -10.51 18.17
N LYS C 8 -5.54 -9.87 19.24
CA LYS C 8 -5.66 -8.41 19.27
C LYS C 8 -4.32 -7.65 19.21
N PRO C 9 -3.24 -8.00 19.92
CA PRO C 9 -1.99 -7.24 19.73
C PRO C 9 -1.33 -7.46 18.38
N ALA C 10 -1.64 -8.54 17.66
CA ALA C 10 -1.12 -8.69 16.31
C ALA C 10 -1.76 -7.69 15.35
N ILE C 11 -3.07 -7.50 15.45
CA ILE C 11 -3.77 -6.51 14.63
C ILE C 11 -3.34 -5.10 15.04
N ARG C 12 -3.14 -4.88 16.35
CA ARG C 12 -2.61 -3.60 16.82
C ARG C 12 -1.19 -3.34 16.31
N ARG C 13 -0.38 -4.40 16.19
CA ARG C 13 0.98 -4.25 15.69
C ARG C 13 1.00 -3.97 14.19
N LEU C 14 0.08 -4.59 13.45
CA LEU C 14 -0.09 -4.26 12.03
C LEU C 14 -0.58 -2.83 11.84
N ALA C 15 -1.43 -2.33 12.75
CA ALA C 15 -1.86 -0.94 12.66
C ALA C 15 -0.76 0.03 13.06
N ARG C 16 0.14 -0.40 13.95
CA ARG C 16 1.30 0.45 14.27
C ARG C 16 2.30 0.49 13.12
N ARG C 17 2.45 -0.61 12.38
CA ARG C 17 3.23 -0.54 11.14
C ARG C 17 2.53 0.30 10.09
N GLY C 18 1.19 0.29 10.05
CA GLY C 18 0.47 1.10 9.10
C GLY C 18 0.36 2.57 9.42
N GLY C 19 0.82 3.01 10.59
CA GLY C 19 0.80 4.41 10.95
C GLY C 19 -0.42 4.88 11.71
N VAL C 20 -1.09 4.01 12.45
CA VAL C 20 -2.32 4.34 13.15
C VAL C 20 -1.99 4.61 14.63
N LYS C 21 -2.45 5.75 15.13
CA LYS C 21 -2.11 6.18 16.48
C LYS C 21 -3.08 5.63 17.54
N ARG C 22 -4.37 5.62 17.27
CA ARG C 22 -5.37 5.24 18.25
C ARG C 22 -6.43 4.37 17.58
N ILE C 23 -6.76 3.26 18.24
CA ILE C 23 -7.57 2.19 17.66
C ILE C 23 -8.84 2.02 18.48
N SER C 24 -9.98 1.86 17.79
CA SER C 24 -11.26 1.60 18.45
C SER C 24 -11.40 0.10 18.75
N GLY C 25 -12.61 -0.34 19.08
CA GLY C 25 -12.81 -1.69 19.56
C GLY C 25 -13.46 -2.69 18.61
N LEU C 26 -13.77 -2.27 17.38
CA LEU C 26 -14.38 -3.15 16.39
C LEU C 26 -13.50 -3.40 15.18
N ILE C 27 -12.32 -2.78 15.13
CA ILE C 27 -11.38 -2.92 14.03
C ILE C 27 -10.87 -4.34 13.94
N TYR C 28 -10.79 -5.05 15.08
CA TYR C 28 -10.29 -6.40 15.10
C TYR C 28 -11.28 -7.37 14.46
N GLU C 29 -12.56 -7.22 14.79
CA GLU C 29 -13.61 -8.04 14.20
C GLU C 29 -13.86 -7.69 12.75
N GLU C 30 -13.55 -6.47 12.32
CA GLU C 30 -13.62 -6.15 10.89
C GLU C 30 -12.45 -6.78 10.14
N THR C 31 -11.24 -6.67 10.72
CA THR C 31 -10.02 -7.13 10.07
C THR C 31 -9.99 -8.66 9.94
N ARG C 32 -10.57 -9.37 10.91
CA ARG C 32 -10.66 -10.84 10.81
C ARG C 32 -11.50 -11.26 9.62
N GLY C 33 -12.63 -10.58 9.38
CA GLY C 33 -13.46 -10.90 8.23
C GLY C 33 -12.82 -10.54 6.90
N VAL C 34 -12.12 -9.40 6.86
CA VAL C 34 -11.41 -8.99 5.64
C VAL C 34 -10.32 -9.99 5.28
N LEU C 35 -9.53 -10.39 6.28
CA LEU C 35 -8.46 -11.37 6.08
C LEU C 35 -9.03 -12.73 5.69
N LYS C 36 -10.19 -13.10 6.26
CA LYS C 36 -10.83 -14.36 5.92
C LYS C 36 -11.28 -14.39 4.47
N VAL C 37 -11.88 -13.29 3.98
CA VAL C 37 -12.34 -13.22 2.59
C VAL C 37 -11.16 -13.29 1.63
N PHE C 38 -10.11 -12.51 1.91
CA PHE C 38 -8.91 -12.49 1.05
C PHE C 38 -8.24 -13.86 0.99
N LEU C 39 -8.07 -14.51 2.14
CA LEU C 39 -7.45 -15.83 2.18
C LEU C 39 -8.33 -16.90 1.54
N GLU C 40 -9.66 -16.79 1.65
CA GLU C 40 -10.53 -17.74 0.97
C GLU C 40 -10.41 -17.63 -0.55
N ASN C 41 -10.32 -16.39 -1.08
CA ASN C 41 -10.15 -16.22 -2.52
C ASN C 41 -8.82 -16.79 -3.01
N VAL C 42 -7.73 -16.48 -2.29
CA VAL C 42 -6.41 -16.92 -2.75
C VAL C 42 -6.26 -18.44 -2.61
N ILE C 43 -6.77 -19.00 -1.52
CA ILE C 43 -6.74 -20.46 -1.33
C ILE C 43 -7.61 -21.18 -2.35
N ARG C 44 -8.76 -20.59 -2.74
CA ARG C 44 -9.61 -21.19 -3.76
C ARG C 44 -8.89 -21.27 -5.11
N ASP C 45 -8.22 -20.18 -5.51
CA ASP C 45 -7.50 -20.21 -6.78
C ASP C 45 -6.27 -21.13 -6.72
N ALA C 46 -5.57 -21.16 -5.57
CA ALA C 46 -4.39 -22.02 -5.44
C ALA C 46 -4.76 -23.50 -5.46
N VAL C 47 -5.85 -23.87 -4.81
CA VAL C 47 -6.33 -25.25 -4.85
C VAL C 47 -6.86 -25.60 -6.24
N THR C 48 -7.40 -24.61 -6.97
CA THR C 48 -7.80 -24.86 -8.36
C THR C 48 -6.60 -25.19 -9.25
N TYR C 49 -5.52 -24.40 -9.14
CA TYR C 49 -4.29 -24.69 -9.87
C TYR C 49 -3.68 -26.03 -9.45
N THR C 50 -3.74 -26.36 -8.15
CA THR C 50 -3.18 -27.63 -7.66
C THR C 50 -3.98 -28.82 -8.18
N GLU C 51 -5.31 -28.73 -8.17
CA GLU C 51 -6.14 -29.81 -8.70
C GLU C 51 -6.02 -29.93 -10.21
N HIS C 52 -5.72 -28.83 -10.90
CA HIS C 52 -5.45 -28.93 -12.34
C HIS C 52 -4.12 -29.62 -12.60
N ALA C 53 -3.11 -29.36 -11.78
CA ALA C 53 -1.78 -29.93 -12.01
C ALA C 53 -1.65 -31.39 -11.59
N LYS C 54 -2.75 -32.04 -11.17
CA LYS C 54 -2.83 -33.45 -10.79
C LYS C 54 -1.96 -33.82 -9.58
N ARG C 55 -1.50 -32.83 -8.82
CA ARG C 55 -0.71 -33.11 -7.63
C ARG C 55 -1.61 -33.24 -6.42
N LYS C 56 -1.00 -33.48 -5.26
CA LYS C 56 -1.69 -33.44 -3.98
C LYS C 56 -1.07 -32.47 -2.99
N THR C 57 0.20 -32.09 -3.16
CA THR C 57 0.80 -31.03 -2.38
C THR C 57 0.58 -29.70 -3.08
N VAL C 58 0.40 -28.65 -2.29
CA VAL C 58 0.22 -27.29 -2.81
C VAL C 58 1.56 -26.58 -2.71
N THR C 59 2.20 -26.34 -3.85
CA THR C 59 3.51 -25.71 -3.88
C THR C 59 3.38 -24.20 -3.69
N ALA C 60 4.51 -23.49 -3.75
CA ALA C 60 4.51 -22.05 -3.61
C ALA C 60 4.29 -21.32 -4.93
N MET C 61 4.63 -21.95 -6.06
CA MET C 61 4.39 -21.35 -7.36
C MET C 61 2.91 -21.26 -7.68
N ASP C 62 2.09 -22.15 -7.12
CA ASP C 62 0.64 -22.01 -7.25
C ASP C 62 0.13 -20.78 -6.52
N VAL C 63 0.71 -20.49 -5.34
CA VAL C 63 0.36 -19.29 -4.60
C VAL C 63 0.81 -18.04 -5.34
N VAL C 64 1.99 -18.08 -5.96
CA VAL C 64 2.49 -16.95 -6.74
C VAL C 64 1.62 -16.72 -7.98
N TYR C 65 1.17 -17.81 -8.62
CA TYR C 65 0.29 -17.68 -9.78
C TYR C 65 -1.09 -17.14 -9.40
N ALA C 66 -1.62 -17.56 -8.24
CA ALA C 66 -2.89 -17.03 -7.77
C ALA C 66 -2.79 -15.56 -7.39
N LEU C 67 -1.68 -15.15 -6.77
CA LEU C 67 -1.49 -13.74 -6.44
C LEU C 67 -1.29 -12.89 -7.68
N LYS C 68 -0.65 -13.46 -8.71
CA LYS C 68 -0.57 -12.78 -10.00
C LYS C 68 -1.94 -12.68 -10.66
N ARG C 69 -2.81 -13.67 -10.43
CA ARG C 69 -4.16 -13.63 -10.97
C ARG C 69 -4.99 -12.54 -10.29
N GLN C 70 -4.86 -12.39 -8.97
CA GLN C 70 -5.49 -11.27 -8.29
C GLN C 70 -4.91 -9.92 -8.69
N GLY C 71 -3.68 -9.88 -9.17
CA GLY C 71 -3.04 -8.64 -9.53
C GLY C 71 -2.01 -8.14 -8.52
N ARG C 72 -1.46 -9.02 -7.69
CA ARG C 72 -0.52 -8.65 -6.64
C ARG C 72 0.75 -9.50 -6.84
N THR C 73 1.69 -8.97 -7.61
CA THR C 73 2.91 -9.69 -7.94
C THR C 73 3.84 -9.73 -6.73
N LEU C 74 4.39 -10.91 -6.44
CA LEU C 74 5.22 -11.14 -5.27
C LEU C 74 6.60 -11.60 -5.73
N TYR C 75 7.63 -10.82 -5.39
CA TYR C 75 9.00 -11.17 -5.70
C TYR C 75 9.64 -11.88 -4.51
N GLY C 76 10.27 -13.03 -4.77
CA GLY C 76 11.06 -13.68 -3.74
C GLY C 76 10.86 -15.17 -3.62
N PHE C 77 9.66 -15.65 -3.92
CA PHE C 77 9.31 -17.06 -3.75
C PHE C 77 9.30 -17.82 -5.07
N GLY C 78 9.98 -17.32 -6.09
CA GLY C 78 10.04 -17.98 -7.38
C GLY C 78 11.19 -18.98 -7.47
N ALA D 1 -23.60 -34.23 -45.61
CA ALA D 1 -22.40 -33.66 -44.98
C ALA D 1 -22.78 -32.72 -43.85
N LYS D 2 -22.95 -33.27 -42.65
CA LYS D 2 -23.30 -32.47 -41.49
C LYS D 2 -22.08 -31.70 -40.98
N THR D 3 -22.35 -30.55 -40.38
CA THR D 3 -21.30 -29.75 -39.76
C THR D 3 -21.04 -30.26 -38.34
N ARG D 4 -20.09 -29.62 -37.66
CA ARG D 4 -19.81 -29.98 -36.27
C ARG D 4 -20.73 -29.27 -35.30
N SER D 5 -21.30 -28.13 -35.70
CA SER D 5 -22.28 -27.45 -34.85
C SER D 5 -23.60 -28.22 -34.80
N SER D 6 -23.99 -28.84 -35.92
CA SER D 6 -25.18 -29.68 -35.92
C SER D 6 -24.94 -30.98 -35.15
N ARG D 7 -23.71 -31.48 -35.16
CA ARG D 7 -23.39 -32.69 -34.42
C ARG D 7 -23.29 -32.43 -32.92
N ALA D 8 -22.80 -31.26 -32.53
CA ALA D 8 -22.72 -30.90 -31.13
C ALA D 8 -24.03 -30.36 -30.58
N GLY D 9 -24.94 -29.89 -31.44
CA GLY D 9 -26.19 -29.33 -30.99
C GLY D 9 -26.10 -27.89 -30.54
N LEU D 10 -25.17 -27.12 -31.10
CA LEU D 10 -24.95 -25.73 -30.71
C LEU D 10 -25.40 -24.79 -31.82
N GLN D 11 -25.46 -23.51 -31.49
CA GLN D 11 -25.80 -22.47 -32.46
C GLN D 11 -24.59 -21.66 -32.92
N PHE D 12 -23.55 -21.55 -32.09
CA PHE D 12 -22.32 -20.91 -32.51
C PHE D 12 -21.52 -21.87 -33.39
N PRO D 13 -20.64 -21.36 -34.26
CA PRO D 13 -19.87 -22.25 -35.13
C PRO D 13 -18.66 -22.86 -34.40
N VAL D 14 -18.23 -24.00 -34.93
CA VAL D 14 -17.07 -24.70 -34.39
C VAL D 14 -15.83 -24.51 -35.25
N GLY D 15 -15.97 -24.49 -36.58
CA GLY D 15 -14.81 -24.33 -37.44
C GLY D 15 -14.18 -22.96 -37.37
N ARG D 16 -14.99 -21.92 -37.14
CA ARG D 16 -14.45 -20.57 -36.99
C ARG D 16 -13.67 -20.44 -35.69
N VAL D 17 -14.19 -21.04 -34.61
CA VAL D 17 -13.47 -21.02 -33.32
C VAL D 17 -12.20 -21.84 -33.41
N HIS D 18 -12.22 -22.94 -34.16
CA HIS D 18 -11.02 -23.76 -34.35
C HIS D 18 -9.98 -23.03 -35.18
N ARG D 19 -10.42 -22.29 -36.21
CA ARG D 19 -9.51 -21.47 -37.00
C ARG D 19 -8.90 -20.34 -36.17
N LEU D 20 -9.70 -19.71 -35.31
CA LEU D 20 -9.18 -18.65 -34.47
C LEU D 20 -8.26 -19.18 -33.36
N LEU D 21 -8.44 -20.43 -32.94
CA LEU D 21 -7.49 -21.02 -32.00
C LEU D 21 -6.19 -21.40 -32.69
N ARG D 22 -6.27 -21.95 -33.91
CA ARG D 22 -5.06 -22.35 -34.62
C ARG D 22 -4.28 -21.16 -35.18
N LYS D 23 -4.95 -20.04 -35.45
CA LYS D 23 -4.31 -18.87 -36.03
C LYS D 23 -4.18 -17.72 -35.03
N GLY D 24 -3.85 -18.01 -33.77
CA GLY D 24 -3.78 -16.95 -32.78
C GLY D 24 -2.61 -17.05 -31.83
N ASN D 25 -1.68 -17.96 -32.12
CA ASN D 25 -0.42 -18.15 -31.38
C ASN D 25 -0.65 -18.46 -29.91
N TYR D 26 -1.52 -19.44 -29.65
CA TYR D 26 -1.79 -19.87 -28.28
C TYR D 26 -1.03 -21.14 -27.90
N SER D 27 -0.94 -22.09 -28.83
CA SER D 27 -0.21 -23.34 -28.61
C SER D 27 0.11 -23.95 -29.96
N GLU D 28 0.88 -25.03 -29.93
CA GLU D 28 1.23 -25.74 -31.17
C GLU D 28 0.08 -26.65 -31.62
N ARG D 29 -0.57 -27.33 -30.69
CA ARG D 29 -1.64 -28.27 -31.02
C ARG D 29 -2.94 -27.84 -30.35
N VAL D 30 -4.06 -28.19 -30.99
CA VAL D 30 -5.40 -27.85 -30.51
C VAL D 30 -6.24 -29.12 -30.52
N GLY D 31 -6.81 -29.46 -29.37
CA GLY D 31 -7.65 -30.63 -29.25
C GLY D 31 -8.97 -30.50 -30.01
N ALA D 32 -9.68 -31.62 -30.09
CA ALA D 32 -10.90 -31.72 -30.89
C ALA D 32 -12.18 -31.52 -30.09
N GLY D 33 -12.08 -31.17 -28.81
CA GLY D 33 -13.26 -30.90 -28.00
C GLY D 33 -13.25 -29.49 -27.44
N ALA D 34 -12.11 -28.83 -27.56
CA ALA D 34 -11.96 -27.47 -27.06
C ALA D 34 -12.83 -26.42 -27.77
N PRO D 35 -12.96 -26.37 -29.11
CA PRO D 35 -13.88 -25.38 -29.68
C PRO D 35 -15.34 -25.69 -29.43
N VAL D 36 -15.70 -26.97 -29.28
CA VAL D 36 -17.07 -27.34 -28.92
C VAL D 36 -17.40 -26.86 -27.51
N TYR D 37 -16.48 -27.08 -26.57
CA TYR D 37 -16.67 -26.64 -25.19
C TYR D 37 -16.74 -25.11 -25.10
N LEU D 38 -15.85 -24.42 -25.84
CA LEU D 38 -15.81 -22.96 -25.79
C LEU D 38 -17.02 -22.34 -26.48
N ALA D 39 -17.51 -22.96 -27.57
CA ALA D 39 -18.72 -22.46 -28.21
C ALA D 39 -19.95 -22.69 -27.35
N ALA D 40 -19.98 -23.79 -26.59
CA ALA D 40 -21.07 -24.00 -25.64
C ALA D 40 -21.06 -22.95 -24.54
N VAL D 41 -19.88 -22.60 -24.02
CA VAL D 41 -19.78 -21.59 -22.98
C VAL D 41 -20.16 -20.21 -23.50
N LEU D 42 -19.70 -19.86 -24.71
CA LEU D 42 -20.07 -18.58 -25.30
C LEU D 42 -21.56 -18.49 -25.62
N GLU D 43 -22.16 -19.59 -26.09
CA GLU D 43 -23.60 -19.59 -26.37
C GLU D 43 -24.41 -19.46 -25.09
N TYR D 44 -23.97 -20.10 -24.01
CA TYR D 44 -24.65 -19.96 -22.72
C TYR D 44 -24.56 -18.53 -22.20
N LEU D 45 -23.39 -17.91 -22.32
CA LEU D 45 -23.24 -16.52 -21.84
C LEU D 45 -24.05 -15.55 -22.69
N THR D 46 -24.14 -15.80 -24.00
CA THR D 46 -24.94 -14.98 -24.90
C THR D 46 -26.43 -15.08 -24.56
N ALA D 47 -26.93 -16.30 -24.34
CA ALA D 47 -28.33 -16.46 -23.97
C ALA D 47 -28.62 -15.89 -22.59
N GLU D 48 -27.67 -16.00 -21.66
CA GLU D 48 -27.84 -15.46 -20.31
C GLU D 48 -27.94 -13.94 -20.33
N ILE D 49 -27.12 -13.27 -21.15
CA ILE D 49 -27.24 -11.81 -21.17
C ILE D 49 -28.43 -11.35 -22.01
N LEU D 50 -28.82 -12.10 -23.05
CA LEU D 50 -29.96 -11.68 -23.86
C LEU D 50 -31.30 -11.90 -23.18
N GLU D 51 -31.39 -12.87 -22.24
CA GLU D 51 -32.60 -13.02 -21.43
C GLU D 51 -32.85 -11.78 -20.58
N LEU D 52 -31.81 -11.30 -19.89
CA LEU D 52 -31.97 -10.10 -19.05
C LEU D 52 -32.20 -8.86 -19.89
N ALA D 53 -31.57 -8.78 -21.08
CA ALA D 53 -31.82 -7.65 -21.97
C ALA D 53 -33.25 -7.65 -22.49
N GLY D 54 -33.80 -8.82 -22.82
CA GLY D 54 -35.19 -8.91 -23.23
C GLY D 54 -36.16 -8.62 -22.10
N ASN D 55 -35.79 -8.99 -20.87
CA ASN D 55 -36.63 -8.64 -19.71
C ASN D 55 -36.64 -7.13 -19.49
N ALA D 56 -35.50 -6.46 -19.65
CA ALA D 56 -35.45 -5.00 -19.54
C ALA D 56 -36.25 -4.34 -20.67
N ALA D 57 -36.19 -4.91 -21.88
CA ALA D 57 -36.96 -4.38 -23.00
C ALA D 57 -38.46 -4.55 -22.80
N ARG D 58 -38.88 -5.66 -22.15
CA ARG D 58 -40.29 -5.81 -21.81
C ARG D 58 -40.69 -4.89 -20.68
N ASP D 59 -39.78 -4.59 -19.75
CA ASP D 59 -40.11 -3.71 -18.64
C ASP D 59 -40.25 -2.26 -19.08
N ASN D 60 -39.45 -1.82 -20.05
CA ASN D 60 -39.51 -0.45 -20.52
C ASN D 60 -40.46 -0.27 -21.71
N LYS D 61 -41.32 -1.27 -21.97
CA LYS D 61 -42.40 -1.22 -22.98
C LYS D 61 -41.86 -0.96 -24.38
N LYS D 62 -40.84 -1.71 -24.77
CA LYS D 62 -40.22 -1.56 -26.07
C LYS D 62 -40.20 -2.91 -26.79
N THR D 63 -39.79 -2.86 -28.06
CA THR D 63 -39.64 -4.04 -28.90
C THR D 63 -38.19 -4.41 -29.15
N ARG D 64 -37.34 -3.43 -29.44
CA ARG D 64 -35.93 -3.67 -29.69
C ARG D 64 -35.12 -3.52 -28.40
N ILE D 65 -33.88 -4.01 -28.45
CA ILE D 65 -32.94 -3.92 -27.35
C ILE D 65 -31.95 -2.81 -27.64
N ILE D 66 -31.70 -1.96 -26.66
CA ILE D 66 -30.86 -0.77 -26.84
C ILE D 66 -29.70 -0.88 -25.85
N PRO D 67 -28.61 -0.10 -26.02
CA PRO D 67 -27.52 -0.12 -25.02
C PRO D 67 -27.92 0.30 -23.62
N ARG D 68 -28.98 1.09 -23.45
CA ARG D 68 -29.50 1.36 -22.12
C ARG D 68 -30.10 0.09 -21.50
N HIS D 69 -30.78 -0.71 -22.31
CA HIS D 69 -31.31 -1.99 -21.82
C HIS D 69 -30.19 -2.96 -21.49
N LEU D 70 -29.12 -2.95 -22.30
CA LEU D 70 -27.95 -3.78 -21.98
C LEU D 70 -27.25 -3.32 -20.71
N GLN D 71 -27.18 -2.00 -20.49
CA GLN D 71 -26.57 -1.44 -19.28
C GLN D 71 -27.37 -1.84 -18.04
N LEU D 72 -28.71 -1.73 -18.12
CA LEU D 72 -29.56 -2.14 -17.01
C LEU D 72 -29.48 -3.65 -16.77
N ALA D 73 -29.41 -4.44 -17.84
CA ALA D 73 -29.35 -5.88 -17.71
C ALA D 73 -28.03 -6.35 -17.09
N ILE D 74 -26.93 -5.66 -17.39
CA ILE D 74 -25.65 -6.04 -16.79
C ILE D 74 -25.56 -5.53 -15.35
N ARG D 75 -25.90 -4.26 -15.11
CA ARG D 75 -25.71 -3.69 -13.79
C ARG D 75 -26.78 -4.10 -12.78
N ASN D 76 -27.88 -4.71 -13.21
CA ASN D 76 -28.87 -5.21 -12.26
C ASN D 76 -28.64 -6.65 -11.87
N ASP D 77 -27.67 -7.33 -12.48
CA ASP D 77 -27.27 -8.68 -12.09
C ASP D 77 -25.90 -8.62 -11.44
N GLU D 78 -25.74 -9.35 -10.33
CA GLU D 78 -24.53 -9.22 -9.52
C GLU D 78 -23.34 -9.95 -10.15
N GLU D 79 -23.57 -11.14 -10.69
CA GLU D 79 -22.47 -11.91 -11.28
C GLU D 79 -21.97 -11.29 -12.57
N LEU D 80 -22.88 -10.72 -13.37
CA LEU D 80 -22.47 -10.00 -14.57
C LEU D 80 -21.78 -8.69 -14.23
N ASN D 81 -22.16 -8.06 -13.10
CA ASN D 81 -21.47 -6.86 -12.66
C ASN D 81 -20.07 -7.18 -12.16
N LYS D 82 -19.88 -8.36 -11.57
CA LYS D 82 -18.55 -8.77 -11.14
C LYS D 82 -17.69 -9.20 -12.32
N LEU D 83 -18.29 -9.86 -13.32
CA LEU D 83 -17.53 -10.28 -14.49
C LEU D 83 -17.16 -9.09 -15.38
N LEU D 84 -17.99 -8.06 -15.41
CA LEU D 84 -17.77 -6.92 -16.29
C LEU D 84 -17.63 -5.62 -15.50
N GLY D 85 -16.83 -5.66 -14.43
CA GLY D 85 -16.66 -4.51 -13.57
C GLY D 85 -15.69 -3.46 -14.06
N LYS D 86 -15.01 -3.71 -15.18
CA LYS D 86 -14.07 -2.76 -15.77
C LYS D 86 -14.41 -2.48 -17.23
N VAL D 87 -15.70 -2.51 -17.56
CA VAL D 87 -16.18 -2.37 -18.93
C VAL D 87 -17.05 -1.12 -19.02
N THR D 88 -16.75 -0.25 -19.97
CA THR D 88 -17.55 0.93 -20.26
C THR D 88 -18.35 0.69 -21.54
N ILE D 89 -19.66 0.90 -21.46
CA ILE D 89 -20.58 0.67 -22.58
C ILE D 89 -20.96 2.03 -23.17
N ALA D 90 -20.78 2.18 -24.47
CA ALA D 90 -21.12 3.44 -25.13
C ALA D 90 -22.63 3.60 -25.22
N GLN D 91 -23.10 4.82 -24.93
CA GLN D 91 -24.51 5.21 -24.93
C GLN D 91 -25.34 4.34 -23.99
N GLY D 92 -24.81 4.07 -22.80
CA GLY D 92 -25.51 3.21 -21.86
C GLY D 92 -25.98 3.92 -20.61
N GLY D 93 -25.39 5.07 -20.30
CA GLY D 93 -25.81 5.85 -19.15
C GLY D 93 -25.34 5.25 -17.84
N VAL D 94 -26.06 5.59 -16.77
CA VAL D 94 -25.78 5.12 -15.43
C VAL D 94 -27.08 4.60 -14.82
N LEU D 95 -27.01 4.21 -13.52
CA LEU D 95 -28.16 3.74 -12.78
C LEU D 95 -28.75 4.87 -11.94
N PRO D 96 -30.07 4.91 -11.78
CA PRO D 96 -30.69 5.88 -10.87
C PRO D 96 -30.37 5.52 -9.42
N ASN D 97 -29.69 6.43 -8.72
CA ASN D 97 -29.28 6.18 -7.34
C ASN D 97 -29.08 7.53 -6.66
N ILE D 98 -29.91 7.82 -5.67
CA ILE D 98 -29.81 9.04 -4.87
C ILE D 98 -29.64 8.63 -3.42
N GLN D 99 -28.64 9.21 -2.75
CA GLN D 99 -28.36 8.86 -1.37
C GLN D 99 -29.46 9.38 -0.45
N ALA D 100 -29.68 8.65 0.66
CA ALA D 100 -30.80 8.91 1.56
C ALA D 100 -30.62 10.15 2.42
N VAL D 101 -29.42 10.74 2.45
CA VAL D 101 -29.20 11.95 3.23
C VAL D 101 -29.38 13.21 2.36
N LEU D 102 -29.29 13.09 1.03
CA LEU D 102 -29.42 14.25 0.16
C LEU D 102 -30.87 14.70 0.01
N LEU D 103 -31.84 13.84 0.31
CA LEU D 103 -33.24 14.18 0.14
C LEU D 103 -33.96 14.21 1.49
N PRO D 104 -34.87 15.17 1.70
CA PRO D 104 -35.63 15.23 2.96
C PRO D 104 -36.73 14.17 3.01
N SER E 32 -14.27 -5.45 -48.34
CA SER E 32 -13.76 -6.79 -48.15
C SER E 32 -14.62 -7.57 -47.17
N ARG E 33 -14.69 -8.89 -47.37
CA ARG E 33 -15.49 -9.75 -46.50
C ARG E 33 -14.85 -9.87 -45.13
N LYS E 34 -15.65 -9.64 -44.08
CA LYS E 34 -15.16 -9.57 -42.72
C LYS E 34 -16.00 -10.49 -41.84
N GLU E 35 -15.34 -11.14 -40.87
CA GLU E 35 -16.02 -12.02 -39.93
C GLU E 35 -16.94 -11.22 -39.00
N SER E 36 -17.93 -11.92 -38.46
CA SER E 36 -18.89 -11.31 -37.53
C SER E 36 -19.54 -12.42 -36.71
N TYR E 37 -20.44 -12.02 -35.81
CA TYR E 37 -21.24 -12.96 -35.03
C TYR E 37 -22.71 -12.57 -35.04
N SER E 38 -23.14 -11.73 -36.00
CA SER E 38 -24.45 -11.09 -35.92
C SER E 38 -25.57 -12.07 -36.18
N ILE E 39 -25.40 -12.96 -37.16
CA ILE E 39 -26.42 -13.94 -37.47
C ILE E 39 -26.52 -14.99 -36.36
N TYR E 40 -25.43 -15.27 -35.66
CA TYR E 40 -25.46 -16.24 -34.58
C TYR E 40 -26.10 -15.66 -33.33
N VAL E 41 -25.84 -14.37 -33.05
CA VAL E 41 -26.51 -13.68 -31.95
C VAL E 41 -28.00 -13.54 -32.25
N TYR E 42 -28.36 -13.36 -33.52
CA TYR E 42 -29.77 -13.29 -33.90
C TYR E 42 -30.46 -14.66 -33.74
N LYS E 43 -29.76 -15.74 -34.07
CA LYS E 43 -30.30 -17.08 -33.87
C LYS E 43 -30.46 -17.42 -32.39
N VAL E 44 -29.55 -16.94 -31.55
CA VAL E 44 -29.70 -17.13 -30.11
C VAL E 44 -30.87 -16.28 -29.57
N LEU E 45 -31.02 -15.05 -30.09
CA LEU E 45 -32.07 -14.15 -29.61
C LEU E 45 -33.46 -14.62 -30.02
N LYS E 46 -33.60 -15.25 -31.18
CA LYS E 46 -34.90 -15.75 -31.61
C LYS E 46 -35.27 -17.12 -31.00
N GLN E 47 -34.57 -17.58 -29.97
CA GLN E 47 -34.96 -18.75 -29.21
C GLN E 47 -35.46 -18.44 -27.81
N VAL E 48 -34.91 -17.39 -27.17
CA VAL E 48 -35.22 -17.09 -25.78
C VAL E 48 -36.29 -16.01 -25.74
N HIS E 49 -36.41 -15.25 -26.83
CA HIS E 49 -37.43 -14.22 -26.97
C HIS E 49 -37.93 -14.24 -28.41
N PRO E 50 -39.05 -14.89 -28.69
CA PRO E 50 -39.52 -15.05 -30.07
C PRO E 50 -40.00 -13.77 -30.73
N ASP E 51 -40.32 -12.73 -29.96
CA ASP E 51 -40.75 -11.44 -30.51
C ASP E 51 -39.97 -10.31 -29.83
N THR E 52 -38.77 -10.04 -30.35
CA THR E 52 -37.88 -9.01 -29.82
C THR E 52 -36.82 -8.68 -30.88
N GLY E 53 -36.66 -7.39 -31.19
CA GLY E 53 -35.64 -6.96 -32.12
C GLY E 53 -34.36 -6.56 -31.43
N ILE E 54 -33.39 -6.10 -32.23
CA ILE E 54 -32.08 -5.70 -31.76
C ILE E 54 -31.49 -4.69 -32.73
N SER E 55 -30.81 -3.68 -32.21
CA SER E 55 -30.23 -2.63 -33.03
C SER E 55 -28.77 -2.91 -33.34
N SER E 56 -28.20 -2.07 -34.20
CA SER E 56 -26.82 -2.29 -34.66
C SER E 56 -25.81 -1.96 -33.57
N LYS E 57 -26.12 -0.97 -32.73
CA LYS E 57 -25.25 -0.62 -31.61
C LYS E 57 -25.20 -1.76 -30.59
N ALA E 58 -26.36 -2.35 -30.28
CA ALA E 58 -26.40 -3.48 -29.37
C ALA E 58 -25.73 -4.71 -29.97
N MET E 59 -25.84 -4.89 -31.29
CA MET E 59 -25.15 -6.00 -31.94
C MET E 59 -23.63 -5.82 -31.92
N GLY E 60 -23.15 -4.57 -32.06
CA GLY E 60 -21.74 -4.31 -31.92
C GLY E 60 -21.22 -4.53 -30.51
N ILE E 61 -22.04 -4.16 -29.51
CA ILE E 61 -21.68 -4.42 -28.11
C ILE E 61 -21.63 -5.93 -27.84
N MET E 62 -22.55 -6.69 -28.44
CA MET E 62 -22.52 -8.14 -28.28
C MET E 62 -21.32 -8.77 -28.98
N ASN E 63 -20.93 -8.24 -30.15
CA ASN E 63 -19.73 -8.74 -30.84
C ASN E 63 -18.48 -8.46 -30.03
N SER E 64 -18.39 -7.27 -29.44
CA SER E 64 -17.24 -6.93 -28.58
C SER E 64 -17.21 -7.80 -27.33
N PHE E 65 -18.38 -8.12 -26.77
CA PHE E 65 -18.46 -9.00 -25.61
C PHE E 65 -17.98 -10.41 -25.93
N VAL E 66 -18.44 -10.97 -27.06
CA VAL E 66 -18.04 -12.32 -27.46
C VAL E 66 -16.53 -12.36 -27.75
N ASN E 67 -16.00 -11.33 -28.41
CA ASN E 67 -14.57 -11.28 -28.69
C ASN E 67 -13.74 -11.15 -27.42
N ASP E 68 -14.20 -10.34 -26.46
CA ASP E 68 -13.46 -10.16 -25.21
C ASP E 68 -13.44 -11.44 -24.37
N ILE E 69 -14.58 -12.12 -24.26
CA ILE E 69 -14.63 -13.35 -23.48
C ILE E 69 -13.83 -14.46 -24.16
N PHE E 70 -13.86 -14.49 -25.50
CA PHE E 70 -13.01 -15.42 -26.25
C PHE E 70 -11.52 -15.18 -25.98
N GLU E 71 -11.10 -13.91 -26.03
CA GLU E 71 -9.69 -13.59 -25.78
C GLU E 71 -9.27 -13.93 -24.36
N ARG E 72 -10.15 -13.68 -23.38
CA ARG E 72 -9.83 -13.98 -21.98
C ARG E 72 -9.68 -15.49 -21.75
N ILE E 73 -10.63 -16.29 -22.25
CA ILE E 73 -10.57 -17.73 -22.04
C ILE E 73 -9.41 -18.35 -22.81
N ALA E 74 -9.15 -17.89 -24.03
CA ALA E 74 -8.05 -18.43 -24.82
C ALA E 74 -6.69 -18.05 -24.23
N GLY E 75 -6.56 -16.82 -23.70
CA GLY E 75 -5.32 -16.43 -23.07
C GLY E 75 -5.06 -17.16 -21.77
N GLU E 76 -6.10 -17.38 -20.97
CA GLU E 76 -5.92 -18.13 -19.73
C GLU E 76 -5.62 -19.60 -20.02
N ALA E 77 -6.22 -20.16 -21.07
CA ALA E 77 -5.92 -21.55 -21.44
C ALA E 77 -4.50 -21.70 -21.99
N SER E 78 -4.05 -20.71 -22.77
CA SER E 78 -2.66 -20.74 -23.25
C SER E 78 -1.66 -20.49 -22.14
N ARG E 79 -2.05 -19.78 -21.08
CA ARG E 79 -1.18 -19.64 -19.92
C ARG E 79 -1.15 -20.93 -19.10
N LEU E 80 -2.29 -21.63 -19.00
CA LEU E 80 -2.33 -22.90 -18.29
C LEU E 80 -1.58 -24.00 -19.04
N ALA E 81 -1.52 -23.91 -20.38
CA ALA E 81 -0.84 -24.94 -21.16
C ALA E 81 0.67 -24.87 -21.02
N HIS E 82 1.22 -23.73 -20.61
CA HIS E 82 2.67 -23.57 -20.50
C HIS E 82 3.20 -23.92 -19.12
N TYR E 83 2.36 -23.87 -18.08
CA TYR E 83 2.84 -24.14 -16.72
C TYR E 83 3.14 -25.61 -16.50
N ASN E 84 2.34 -26.49 -17.10
CA ASN E 84 2.51 -27.93 -16.95
C ASN E 84 3.39 -28.52 -18.05
N LYS E 85 4.04 -27.68 -18.86
CA LYS E 85 4.96 -28.07 -19.94
C LYS E 85 4.28 -28.97 -20.98
N ARG E 86 3.05 -28.59 -21.35
CA ARG E 86 2.32 -29.29 -22.39
C ARG E 86 2.37 -28.49 -23.68
N SER E 87 1.86 -29.10 -24.76
CA SER E 87 1.79 -28.44 -26.05
C SER E 87 0.38 -28.33 -26.60
N THR E 88 -0.54 -29.21 -26.18
CA THR E 88 -1.89 -29.25 -26.71
C THR E 88 -2.85 -28.59 -25.72
N ILE E 89 -3.70 -27.70 -26.24
CA ILE E 89 -4.80 -27.16 -25.45
C ILE E 89 -6.03 -28.03 -25.70
N THR E 90 -6.54 -28.64 -24.64
CA THR E 90 -7.69 -29.53 -24.72
C THR E 90 -8.83 -28.98 -23.87
N SER E 91 -9.92 -29.75 -23.82
CA SER E 91 -11.12 -29.34 -23.09
C SER E 91 -10.90 -29.30 -21.59
N ARG E 92 -9.89 -30.01 -21.08
CA ARG E 92 -9.58 -29.93 -19.65
C ARG E 92 -8.94 -28.58 -19.32
N GLU E 93 -8.02 -28.11 -20.16
CA GLU E 93 -7.46 -26.77 -20.00
C GLU E 93 -8.52 -25.69 -20.21
N ILE E 94 -9.43 -25.89 -21.16
CA ILE E 94 -10.51 -24.92 -21.36
C ILE E 94 -11.45 -24.88 -20.16
N GLN E 95 -11.76 -26.06 -19.58
CA GLN E 95 -12.59 -26.12 -18.38
C GLN E 95 -11.93 -25.47 -17.19
N THR E 96 -10.61 -25.66 -17.04
CA THR E 96 -9.88 -25.03 -15.94
C THR E 96 -9.82 -23.51 -16.13
N ALA E 97 -9.69 -23.05 -17.38
CA ALA E 97 -9.68 -21.62 -17.65
C ALA E 97 -11.06 -20.99 -17.43
N VAL E 98 -12.13 -21.76 -17.68
CA VAL E 98 -13.48 -21.25 -17.41
C VAL E 98 -13.74 -21.21 -15.91
N ARG E 99 -13.28 -22.23 -15.17
CA ARG E 99 -13.55 -22.32 -13.73
C ARG E 99 -12.82 -21.23 -12.95
N LEU E 100 -11.61 -20.87 -13.37
CA LEU E 100 -10.89 -19.78 -12.74
C LEU E 100 -11.51 -18.42 -13.03
N LEU E 101 -12.15 -18.26 -14.18
CA LEU E 101 -12.55 -16.94 -14.65
C LEU E 101 -14.00 -16.60 -14.38
N LEU E 102 -14.88 -17.60 -14.27
CA LEU E 102 -16.26 -17.18 -14.04
C LEU E 102 -16.62 -17.31 -12.56
N PRO E 103 -17.33 -16.33 -11.99
CA PRO E 103 -17.64 -16.39 -10.56
C PRO E 103 -18.96 -17.07 -10.23
N GLY E 104 -18.98 -17.85 -9.15
CA GLY E 104 -20.22 -18.33 -8.57
C GLY E 104 -20.88 -19.50 -9.29
N GLU E 105 -22.19 -19.42 -9.44
CA GLU E 105 -22.99 -20.48 -10.07
C GLU E 105 -22.93 -20.40 -11.58
N LEU E 106 -22.50 -19.26 -12.14
CA LEU E 106 -22.33 -19.11 -13.58
C LEU E 106 -21.24 -20.04 -14.10
N ALA E 107 -20.19 -20.27 -13.32
CA ALA E 107 -19.15 -21.21 -13.71
C ALA E 107 -19.67 -22.65 -13.67
N LYS E 108 -20.52 -22.96 -12.67
CA LYS E 108 -21.14 -24.28 -12.58
C LYS E 108 -22.01 -24.56 -13.79
N HIS E 109 -22.85 -23.60 -14.18
CA HIS E 109 -23.72 -23.79 -15.34
C HIS E 109 -22.93 -23.80 -16.65
N ALA E 110 -21.82 -23.04 -16.73
CA ALA E 110 -20.99 -23.08 -17.93
C ALA E 110 -20.30 -24.43 -18.08
N VAL E 111 -19.79 -24.98 -16.97
CA VAL E 111 -19.18 -26.32 -17.00
C VAL E 111 -20.21 -27.38 -17.35
N SER E 112 -21.44 -27.23 -16.84
CA SER E 112 -22.50 -28.20 -17.14
C SER E 112 -22.91 -28.16 -18.61
N GLU E 113 -23.10 -26.96 -19.16
CA GLU E 113 -23.44 -26.82 -20.58
C GLU E 113 -22.33 -27.32 -21.48
N GLY E 114 -21.07 -27.00 -21.14
CA GLY E 114 -19.95 -27.47 -21.95
C GLY E 114 -19.76 -28.98 -21.90
N THR E 115 -19.94 -29.58 -20.73
CA THR E 115 -19.83 -31.03 -20.61
C THR E 115 -20.97 -31.73 -21.34
N LYS E 116 -22.17 -31.12 -21.30
CA LYS E 116 -23.30 -31.67 -22.05
C LYS E 116 -23.08 -31.58 -23.55
N ALA E 117 -22.43 -30.51 -24.03
CA ALA E 117 -22.18 -30.37 -25.45
C ALA E 117 -21.02 -31.26 -25.92
N VAL E 118 -20.01 -31.49 -25.08
CA VAL E 118 -18.90 -32.36 -25.46
C VAL E 118 -19.34 -33.83 -25.40
N THR E 119 -20.22 -34.18 -24.47
CA THR E 119 -20.70 -35.56 -24.36
C THR E 119 -21.55 -35.96 -25.58
N LYS E 120 -22.38 -35.04 -26.08
CA LYS E 120 -23.20 -35.34 -27.25
C LYS E 120 -22.40 -35.39 -28.54
N TYR E 121 -21.21 -34.77 -28.59
CA TYR E 121 -20.43 -34.72 -29.81
C TYR E 121 -19.78 -36.06 -30.12
N THR E 122 -19.33 -36.79 -29.09
CA THR E 122 -18.62 -38.04 -29.29
C THR E 122 -19.56 -39.15 -29.77
N SER E 123 -20.78 -39.18 -29.25
CA SER E 123 -21.75 -40.20 -29.65
C SER E 123 -22.30 -39.94 -31.05
N HIS F 7 -43.35 33.48 -7.23
CA HIS F 7 -43.18 32.05 -7.05
C HIS F 7 -41.72 31.64 -7.20
N ARG F 8 -41.15 31.11 -6.12
CA ARG F 8 -39.78 30.62 -6.13
C ARG F 8 -39.74 29.27 -5.42
N TYR F 9 -38.77 28.45 -5.80
CA TYR F 9 -38.56 27.14 -5.18
C TYR F 9 -37.49 27.23 -4.10
N ARG F 10 -37.64 26.37 -3.10
CA ARG F 10 -36.60 26.21 -2.09
C ARG F 10 -35.36 25.59 -2.72
N PRO F 11 -34.17 26.06 -2.36
CA PRO F 11 -32.94 25.55 -3.00
C PRO F 11 -32.68 24.08 -2.69
N GLY F 12 -32.59 23.29 -3.76
CA GLY F 12 -32.42 21.85 -3.68
C GLY F 12 -33.43 21.06 -4.49
N THR F 13 -34.62 21.61 -4.73
CA THR F 13 -35.64 20.91 -5.50
C THR F 13 -35.25 20.84 -6.97
N VAL F 14 -34.77 21.96 -7.53
CA VAL F 14 -34.30 21.97 -8.91
C VAL F 14 -33.04 21.13 -9.06
N ALA F 15 -32.21 21.07 -8.02
CA ALA F 15 -31.02 20.22 -8.04
C ALA F 15 -31.40 18.74 -8.08
N LEU F 16 -32.36 18.32 -7.25
CA LEU F 16 -32.82 16.93 -7.30
C LEU F 16 -33.54 16.61 -8.60
N ARG F 17 -34.25 17.58 -9.17
CA ARG F 17 -34.89 17.40 -10.47
C ARG F 17 -33.85 17.18 -11.57
N GLU F 18 -32.75 17.94 -11.51
CA GLU F 18 -31.67 17.75 -12.49
C GLU F 18 -30.96 16.42 -12.28
N ILE F 19 -30.78 16.00 -11.02
CA ILE F 19 -30.20 14.69 -10.73
C ILE F 19 -31.06 13.58 -11.32
N ARG F 20 -32.39 13.68 -11.16
CA ARG F 20 -33.29 12.67 -11.72
C ARG F 20 -33.28 12.67 -13.24
N ARG F 21 -33.34 13.85 -13.87
CA ARG F 21 -33.43 13.86 -15.34
C ARG F 21 -32.11 13.51 -16.00
N TYR F 22 -30.97 13.81 -15.38
CA TYR F 22 -29.70 13.44 -16.00
C TYR F 22 -29.21 12.06 -15.58
N GLN F 23 -29.80 11.45 -14.54
CA GLN F 23 -29.63 10.01 -14.37
C GLN F 23 -30.63 9.21 -15.18
N LYS F 24 -31.69 9.85 -15.69
CA LYS F 24 -32.59 9.17 -16.62
C LYS F 24 -32.11 9.25 -18.07
N SER F 25 -31.56 10.39 -18.49
CA SER F 25 -31.13 10.55 -19.86
C SER F 25 -29.81 9.81 -20.10
N THR F 26 -29.48 9.64 -21.40
CA THR F 26 -28.28 8.93 -21.82
C THR F 26 -27.42 9.74 -22.79
N GLU F 27 -27.74 11.01 -23.02
CA GLU F 27 -27.03 11.79 -24.02
C GLU F 27 -25.69 12.27 -23.49
N LEU F 28 -24.91 12.89 -24.38
CA LEU F 28 -23.62 13.45 -24.02
C LEU F 28 -23.78 14.86 -23.47
N LEU F 29 -22.96 15.21 -22.49
CA LEU F 29 -23.10 16.48 -21.80
C LEU F 29 -22.12 17.54 -22.27
N ILE F 30 -20.94 17.15 -22.74
CA ILE F 30 -19.93 18.08 -23.23
C ILE F 30 -20.16 18.30 -24.73
N ARG F 31 -20.02 19.55 -25.16
CA ARG F 31 -20.17 19.90 -26.57
C ARG F 31 -19.04 19.30 -27.40
N LYS F 32 -19.23 19.31 -28.71
CA LYS F 32 -18.37 18.54 -29.62
C LYS F 32 -17.24 19.36 -30.23
N LEU F 33 -17.52 20.58 -30.69
CA LEU F 33 -16.45 21.43 -31.21
C LEU F 33 -15.44 21.92 -30.17
N PRO F 34 -15.81 22.35 -28.94
CA PRO F 34 -14.74 22.66 -27.96
C PRO F 34 -13.91 21.45 -27.55
N PHE F 35 -14.53 20.27 -27.43
CA PHE F 35 -13.79 19.06 -27.11
C PHE F 35 -12.86 18.67 -28.26
N GLN F 36 -13.33 18.82 -29.50
CA GLN F 36 -12.50 18.51 -30.67
C GLN F 36 -11.32 19.47 -30.79
N ARG F 37 -11.55 20.76 -30.52
CA ARG F 37 -10.44 21.72 -30.54
C ARG F 37 -9.46 21.46 -29.39
N LEU F 38 -9.96 20.99 -28.24
CA LEU F 38 -9.08 20.63 -27.14
C LEU F 38 -8.19 19.44 -27.48
N VAL F 39 -8.78 18.41 -28.12
CA VAL F 39 -8.00 17.23 -28.52
C VAL F 39 -6.99 17.59 -29.59
N ARG F 40 -7.39 18.39 -30.58
CA ARG F 40 -6.47 18.78 -31.65
C ARG F 40 -5.40 19.74 -31.17
N GLU F 41 -5.66 20.50 -30.09
CA GLU F 41 -4.61 21.32 -29.50
C GLU F 41 -3.60 20.47 -28.75
N ILE F 42 -4.07 19.59 -27.85
CA ILE F 42 -3.15 18.85 -27.00
C ILE F 42 -2.56 17.63 -27.69
N ALA F 43 -2.94 17.33 -28.93
CA ALA F 43 -2.28 16.31 -29.72
C ALA F 43 -1.13 16.84 -30.56
N GLN F 44 -0.59 18.01 -30.19
CA GLN F 44 0.54 18.59 -30.92
C GLN F 44 1.84 18.40 -30.16
N PHE F 46 3.70 15.85 -29.47
CA PHE F 46 3.59 14.43 -29.80
C PHE F 46 3.98 14.19 -31.25
N LYS F 47 3.16 14.73 -32.17
CA LYS F 47 3.41 14.57 -33.60
C LYS F 47 2.68 15.69 -34.33
N THR F 48 3.43 16.52 -35.04
CA THR F 48 2.83 17.62 -35.78
C THR F 48 2.12 17.12 -37.03
N ASP F 49 1.06 17.83 -37.42
CA ASP F 49 0.26 17.60 -38.63
C ASP F 49 -0.35 16.19 -38.63
N LEU F 50 -1.22 15.95 -37.66
CA LEU F 50 -1.94 14.69 -37.57
C LEU F 50 -3.27 14.78 -38.31
N ARG F 51 -4.13 13.78 -38.11
CA ARG F 51 -5.39 13.64 -38.80
C ARG F 51 -6.24 12.66 -38.01
N PHE F 52 -7.53 12.93 -37.90
CA PHE F 52 -8.40 12.17 -37.00
C PHE F 52 -9.67 11.73 -37.72
N GLN F 53 -10.11 10.52 -37.40
CA GLN F 53 -11.45 10.08 -37.76
C GLN F 53 -12.46 10.64 -36.76
N SER F 54 -13.75 10.44 -37.06
CA SER F 54 -14.79 10.91 -36.16
C SER F 54 -15.01 9.96 -34.98
N ALA F 55 -14.83 8.66 -35.21
CA ALA F 55 -15.07 7.68 -34.16
C ALA F 55 -14.00 7.68 -33.08
N ALA F 56 -12.80 8.17 -33.39
CA ALA F 56 -11.76 8.29 -32.37
C ALA F 56 -12.14 9.34 -31.33
N ILE F 57 -12.57 10.53 -31.78
CA ILE F 57 -13.03 11.56 -30.87
C ILE F 57 -14.34 11.15 -30.20
N GLY F 58 -15.19 10.41 -30.93
CA GLY F 58 -16.41 9.90 -30.33
C GLY F 58 -16.19 8.86 -29.25
N ALA F 59 -15.06 8.15 -29.30
CA ALA F 59 -14.68 7.22 -28.24
C ALA F 59 -13.99 7.94 -27.08
N LEU F 60 -13.16 8.94 -27.40
CA LEU F 60 -12.51 9.76 -26.37
C LEU F 60 -13.53 10.48 -25.50
N GLN F 61 -14.61 10.98 -26.11
CA GLN F 61 -15.60 11.73 -25.33
C GLN F 61 -16.38 10.80 -24.40
N GLU F 62 -16.72 9.59 -24.87
CA GLU F 62 -17.38 8.60 -24.04
C GLU F 62 -16.51 8.19 -22.86
N ALA F 63 -15.23 7.90 -23.12
CA ALA F 63 -14.31 7.49 -22.05
C ALA F 63 -14.07 8.62 -21.05
N SER F 64 -13.98 9.86 -21.54
CA SER F 64 -13.74 11.00 -20.68
C SER F 64 -14.93 11.27 -19.77
N GLU F 65 -16.16 11.22 -20.31
CA GLU F 65 -17.32 11.47 -19.48
C GLU F 65 -17.59 10.32 -18.51
N ALA F 66 -17.29 9.07 -18.91
CA ALA F 66 -17.42 7.96 -17.97
C ALA F 66 -16.43 8.07 -16.82
N TYR F 67 -15.19 8.48 -17.14
CA TYR F 67 -14.18 8.70 -16.10
C TYR F 67 -14.59 9.81 -15.14
N LEU F 68 -15.16 10.91 -15.67
CA LEU F 68 -15.54 12.02 -14.82
C LEU F 68 -16.75 11.68 -13.94
N VAL F 69 -17.72 10.93 -14.46
CA VAL F 69 -18.86 10.50 -13.64
C VAL F 69 -18.40 9.52 -12.56
N GLY F 70 -17.51 8.58 -12.92
CA GLY F 70 -16.97 7.66 -11.93
C GLY F 70 -16.07 8.31 -10.90
N LEU F 71 -15.51 9.48 -11.19
CA LEU F 71 -14.77 10.23 -10.18
C LEU F 71 -15.68 11.08 -9.30
N PHE F 72 -16.73 11.68 -9.86
CA PHE F 72 -17.65 12.45 -9.03
C PHE F 72 -18.51 11.57 -8.11
N GLU F 73 -18.71 10.30 -8.45
CA GLU F 73 -19.39 9.40 -7.52
C GLU F 73 -18.59 9.19 -6.23
N ASP F 74 -17.29 8.94 -6.36
CA ASP F 74 -16.45 8.78 -5.18
C ASP F 74 -16.20 10.11 -4.48
N THR F 75 -16.20 11.22 -5.22
CA THR F 75 -16.14 12.54 -4.59
C THR F 75 -17.38 12.79 -3.71
N ASN F 76 -18.56 12.41 -4.21
CA ASN F 76 -19.78 12.53 -3.42
C ASN F 76 -19.75 11.62 -2.20
N LEU F 77 -19.17 10.41 -2.33
CA LEU F 77 -19.05 9.52 -1.19
C LEU F 77 -18.11 10.09 -0.12
N CYS F 78 -17.00 10.71 -0.54
CA CYS F 78 -16.09 11.36 0.41
C CYS F 78 -16.76 12.55 1.09
N ALA F 79 -17.54 13.32 0.34
CA ALA F 79 -18.21 14.49 0.92
C ALA F 79 -19.29 14.08 1.91
N ILE F 80 -19.99 12.97 1.64
CA ILE F 80 -20.96 12.46 2.60
C ILE F 80 -20.26 11.89 3.83
N HIS F 81 -19.11 11.23 3.64
CA HIS F 81 -18.36 10.69 4.77
C HIS F 81 -17.82 11.80 5.67
N ALA F 82 -17.49 12.96 5.09
CA ALA F 82 -17.05 14.11 5.89
C ALA F 82 -18.21 14.86 6.55
N LYS F 83 -19.43 14.30 6.51
CA LYS F 83 -20.65 14.87 7.11
C LYS F 83 -20.97 16.24 6.53
N ARG F 84 -20.84 16.36 5.21
CA ARG F 84 -21.19 17.57 4.48
C ARG F 84 -22.07 17.20 3.29
N VAL F 85 -22.46 18.22 2.53
CA VAL F 85 -23.16 18.05 1.27
C VAL F 85 -22.36 18.62 0.10
N THR F 86 -21.77 19.79 0.29
CA THR F 86 -20.91 20.42 -0.72
C THR F 86 -19.66 19.60 -0.96
N ILE F 87 -19.37 19.34 -2.23
CA ILE F 87 -18.12 18.66 -2.60
C ILE F 87 -17.02 19.72 -2.65
N MET F 88 -15.80 19.30 -2.33
CA MET F 88 -14.64 20.16 -2.25
C MET F 88 -13.49 19.52 -3.01
N PRO F 89 -12.48 20.31 -3.41
CA PRO F 89 -11.32 19.70 -4.10
C PRO F 89 -10.52 18.72 -3.24
N LYS F 90 -10.55 18.85 -1.92
CA LYS F 90 -9.88 17.87 -1.07
C LYS F 90 -10.58 16.51 -1.11
N ASP F 91 -11.87 16.48 -1.42
CA ASP F 91 -12.55 15.20 -1.63
C ASP F 91 -12.07 14.53 -2.91
N ILE F 92 -11.85 15.32 -3.96
CA ILE F 92 -11.30 14.80 -5.21
C ILE F 92 -9.88 14.29 -5.00
N GLN F 93 -9.10 15.02 -4.19
CA GLN F 93 -7.74 14.59 -3.88
C GLN F 93 -7.71 13.31 -3.05
N LEU F 94 -8.66 13.17 -2.11
CA LEU F 94 -8.75 11.94 -1.33
C LEU F 94 -9.18 10.75 -2.20
N ALA F 95 -10.12 10.98 -3.12
CA ALA F 95 -10.58 9.92 -4.00
C ALA F 95 -9.47 9.47 -4.96
N ARG F 96 -8.69 10.42 -5.47
CA ARG F 96 -7.59 10.06 -6.36
C ARG F 96 -6.36 9.56 -5.59
N ARG F 97 -6.30 9.79 -4.28
CA ARG F 97 -5.25 9.19 -3.46
C ARG F 97 -5.57 7.74 -3.10
N ILE F 98 -6.83 7.47 -2.75
CA ILE F 98 -7.22 6.10 -2.42
C ILE F 98 -7.33 5.25 -3.68
N ARG F 99 -7.75 5.84 -4.81
CA ARG F 99 -7.91 5.11 -6.06
C ARG F 99 -6.58 4.60 -6.61
N GLY F 100 -5.47 5.26 -6.30
CA GLY F 100 -4.16 4.80 -6.73
C GLY F 100 -3.62 5.58 -7.90
N GLU F 101 -3.82 6.90 -7.88
CA GLU F 101 -3.35 7.75 -8.96
C GLU F 101 -2.42 8.85 -8.44
N ASP G 1 -5.80 28.01 -25.72
CA ASP G 1 -6.51 27.82 -24.45
C ASP G 1 -7.92 27.29 -24.71
N ASN G 2 -8.01 26.00 -25.05
CA ASN G 2 -9.29 25.35 -25.29
C ASN G 2 -9.77 24.54 -24.11
N ILE G 3 -9.01 24.52 -23.01
CA ILE G 3 -9.49 23.86 -21.79
C ILE G 3 -10.57 24.71 -21.11
N GLN G 4 -10.63 26.01 -21.41
CA GLN G 4 -11.71 26.85 -20.94
C GLN G 4 -13.01 26.62 -21.71
N GLY G 5 -12.97 25.86 -22.81
CA GLY G 5 -14.16 25.45 -23.52
C GLY G 5 -14.94 24.34 -22.87
N ILE G 6 -14.42 23.77 -21.79
CA ILE G 6 -15.16 22.82 -20.95
C ILE G 6 -15.80 23.70 -19.88
N THR G 7 -17.03 24.13 -20.15
CA THR G 7 -17.63 25.21 -19.38
C THR G 7 -18.13 24.69 -18.02
N LYS G 8 -18.60 25.63 -17.21
CA LYS G 8 -19.18 25.38 -15.89
C LYS G 8 -20.54 24.66 -15.93
N PRO G 9 -21.48 24.98 -16.85
CA PRO G 9 -22.70 24.12 -16.92
C PRO G 9 -22.44 22.69 -17.34
N ALA G 10 -21.40 22.43 -18.15
CA ALA G 10 -21.13 21.05 -18.56
C ALA G 10 -20.60 20.23 -17.39
N ILE G 11 -19.69 20.81 -16.59
CA ILE G 11 -19.19 20.14 -15.40
C ILE G 11 -20.31 19.98 -14.37
N ARG G 12 -21.22 20.97 -14.31
CA ARG G 12 -22.35 20.88 -13.40
C ARG G 12 -23.33 19.79 -13.83
N ARG G 13 -23.52 19.58 -15.13
CA ARG G 13 -24.39 18.50 -15.59
C ARG G 13 -23.74 17.14 -15.38
N LEU G 14 -22.42 17.05 -15.53
CA LEU G 14 -21.72 15.80 -15.21
C LEU G 14 -21.78 15.50 -13.72
N ALA G 15 -21.77 16.53 -12.87
CA ALA G 15 -21.93 16.30 -11.44
C ALA G 15 -23.36 15.96 -11.06
N ARG G 16 -24.35 16.50 -11.78
CA ARG G 16 -25.73 16.10 -11.57
C ARG G 16 -25.99 14.66 -12.00
N ARG G 17 -25.32 14.19 -13.05
CA ARG G 17 -25.38 12.77 -13.37
C ARG G 17 -24.63 11.94 -12.33
N GLY G 18 -23.55 12.49 -11.77
CA GLY G 18 -22.84 11.79 -10.71
C GLY G 18 -23.52 11.76 -9.36
N GLY G 19 -24.64 12.47 -9.19
CA GLY G 19 -25.40 12.43 -7.96
C GLY G 19 -25.12 13.56 -6.99
N VAL G 20 -24.42 14.60 -7.41
CA VAL G 20 -23.99 15.66 -6.51
C VAL G 20 -25.08 16.73 -6.43
N LYS G 21 -25.52 17.04 -5.22
CA LYS G 21 -26.59 18.00 -5.00
C LYS G 21 -26.09 19.44 -4.92
N ARG G 22 -24.95 19.66 -4.26
CA ARG G 22 -24.44 21.01 -4.02
C ARG G 22 -22.96 21.05 -4.37
N ILE G 23 -22.56 22.09 -5.11
CA ILE G 23 -21.24 22.15 -5.75
C ILE G 23 -20.56 23.44 -5.31
N SER G 24 -19.30 23.34 -4.89
CA SER G 24 -18.51 24.51 -4.54
C SER G 24 -18.01 25.23 -5.80
N GLY G 25 -17.22 26.27 -5.59
CA GLY G 25 -16.72 27.09 -6.68
C GLY G 25 -15.29 26.81 -7.10
N LEU G 26 -14.66 25.77 -6.57
CA LEU G 26 -13.29 25.44 -6.90
C LEU G 26 -13.14 24.07 -7.56
N ILE G 27 -14.24 23.39 -7.86
CA ILE G 27 -14.20 22.05 -8.44
C ILE G 27 -13.72 22.09 -9.88
N TYR G 28 -13.95 23.21 -10.57
CA TYR G 28 -13.84 23.26 -12.02
C TYR G 28 -12.38 23.27 -12.47
N GLU G 29 -11.53 24.04 -11.79
CA GLU G 29 -10.11 24.07 -12.10
C GLU G 29 -9.40 22.76 -11.77
N GLU G 30 -9.94 21.98 -10.83
CA GLU G 30 -9.42 20.65 -10.56
C GLU G 30 -9.85 19.66 -11.64
N THR G 31 -11.13 19.74 -12.04
CA THR G 31 -11.69 18.82 -13.02
C THR G 31 -11.07 19.02 -14.40
N ARG G 32 -10.73 20.27 -14.76
CA ARG G 32 -10.07 20.53 -16.04
C ARG G 32 -8.66 19.95 -16.06
N GLY G 33 -7.94 20.03 -14.94
CA GLY G 33 -6.61 19.44 -14.88
C GLY G 33 -6.63 17.93 -14.92
N VAL G 34 -7.59 17.31 -14.23
CA VAL G 34 -7.71 15.84 -14.24
C VAL G 34 -8.08 15.35 -15.65
N LEU G 35 -9.01 16.05 -16.31
CA LEU G 35 -9.37 15.71 -17.69
C LEU G 35 -8.20 15.90 -18.64
N LYS G 36 -7.39 16.95 -18.41
CA LYS G 36 -6.23 17.18 -19.25
C LYS G 36 -5.18 16.08 -19.10
N VAL G 37 -4.94 15.62 -17.86
CA VAL G 37 -3.97 14.54 -17.63
C VAL G 37 -4.43 13.24 -18.26
N PHE G 38 -5.73 12.91 -18.10
CA PHE G 38 -6.28 11.69 -18.69
C PHE G 38 -6.21 11.72 -20.22
N LEU G 39 -6.58 12.86 -20.83
CA LEU G 39 -6.52 12.97 -22.28
C LEU G 39 -5.09 12.97 -22.79
N GLU G 40 -4.14 13.54 -22.04
CA GLU G 40 -2.74 13.51 -22.47
C GLU G 40 -2.19 12.09 -22.47
N ASN G 41 -2.56 11.29 -21.46
CA ASN G 41 -2.11 9.89 -21.42
C ASN G 41 -2.70 9.07 -22.56
N VAL G 42 -4.01 9.20 -22.79
CA VAL G 42 -4.64 8.38 -23.82
C VAL G 42 -4.23 8.83 -25.22
N ILE G 43 -4.06 10.14 -25.45
CA ILE G 43 -3.62 10.63 -26.75
C ILE G 43 -2.15 10.30 -26.99
N ARG G 44 -1.32 10.27 -25.93
CA ARG G 44 0.07 9.84 -26.09
C ARG G 44 0.16 8.38 -26.53
N ASP G 45 -0.65 7.50 -25.91
CA ASP G 45 -0.63 6.10 -26.33
C ASP G 45 -1.19 5.91 -27.75
N ALA G 46 -2.25 6.66 -28.09
CA ALA G 46 -2.84 6.56 -29.42
C ALA G 46 -1.90 7.05 -30.51
N VAL G 47 -1.17 8.14 -30.24
CA VAL G 47 -0.19 8.65 -31.20
C VAL G 47 1.00 7.70 -31.30
N THR G 48 1.36 7.00 -30.21
CA THR G 48 2.42 6.00 -30.30
C THR G 48 2.02 4.82 -31.17
N TYR G 49 0.78 4.32 -31.02
CA TYR G 49 0.30 3.26 -31.91
C TYR G 49 0.19 3.74 -33.36
N THR G 50 -0.22 4.99 -33.57
CA THR G 50 -0.33 5.53 -34.92
C THR G 50 1.04 5.67 -35.59
N GLU G 51 2.04 6.15 -34.84
CA GLU G 51 3.40 6.27 -35.37
C GLU G 51 4.03 4.91 -35.63
N HIS G 52 3.67 3.90 -34.82
CA HIS G 52 4.16 2.56 -35.13
C HIS G 52 3.49 2.00 -36.39
N ALA G 53 2.22 2.31 -36.60
CA ALA G 53 1.49 1.73 -37.74
C ALA G 53 1.83 2.36 -39.09
N LYS G 54 2.75 3.34 -39.12
CA LYS G 54 3.17 4.07 -40.33
C LYS G 54 1.98 4.72 -41.04
N ARG G 55 1.22 5.50 -40.28
CA ARG G 55 0.05 6.20 -40.79
C ARG G 55 0.04 7.64 -40.29
N LYS G 56 -0.72 8.47 -41.01
CA LYS G 56 -0.92 9.86 -40.64
C LYS G 56 -2.27 10.10 -39.98
N THR G 57 -3.15 9.11 -39.98
CA THR G 57 -4.51 9.25 -39.48
C THR G 57 -4.68 8.40 -38.23
N VAL G 58 -5.10 9.04 -37.14
CA VAL G 58 -5.39 8.32 -35.89
C VAL G 58 -6.81 7.76 -36.01
N THR G 59 -6.92 6.44 -36.02
CA THR G 59 -8.22 5.78 -36.16
C THR G 59 -8.83 5.54 -34.78
N ALA G 60 -9.92 4.79 -34.74
CA ALA G 60 -10.61 4.50 -33.49
C ALA G 60 -10.08 3.27 -32.78
N MET G 61 -9.54 2.31 -33.54
CA MET G 61 -8.97 1.10 -32.93
C MET G 61 -7.71 1.40 -32.14
N ASP G 62 -6.95 2.43 -32.55
CA ASP G 62 -5.83 2.90 -31.75
C ASP G 62 -6.29 3.44 -30.41
N VAL G 63 -7.42 4.14 -30.38
CA VAL G 63 -7.97 4.66 -29.14
C VAL G 63 -8.49 3.52 -28.26
N VAL G 64 -9.13 2.52 -28.87
CA VAL G 64 -9.63 1.38 -28.12
C VAL G 64 -8.47 0.57 -27.52
N TYR G 65 -7.37 0.43 -28.27
CA TYR G 65 -6.20 -0.25 -27.75
C TYR G 65 -5.50 0.56 -26.65
N ALA G 66 -5.49 1.89 -26.80
CA ALA G 66 -4.92 2.75 -25.77
C ALA G 66 -5.75 2.72 -24.49
N LEU G 67 -7.06 2.52 -24.59
CA LEU G 67 -7.89 2.39 -23.40
C LEU G 67 -7.79 1.00 -22.80
N LYS G 68 -7.63 -0.02 -23.65
CA LYS G 68 -7.41 -1.39 -23.17
C LYS G 68 -6.09 -1.52 -22.43
N ARG G 69 -5.07 -0.75 -22.85
CA ARG G 69 -3.78 -0.75 -22.18
C ARG G 69 -3.86 -0.21 -20.75
N GLN G 70 -4.78 0.70 -20.48
CA GLN G 70 -4.91 1.30 -19.16
C GLN G 70 -6.00 0.66 -18.32
N GLY G 71 -6.77 -0.28 -18.89
CA GLY G 71 -7.81 -0.95 -18.15
C GLY G 71 -9.13 -0.23 -18.14
N ARG G 72 -9.63 0.13 -19.32
CA ARG G 72 -10.91 0.82 -19.46
C ARG G 72 -11.92 0.01 -20.25
N THR G 73 -11.51 -0.60 -21.36
CA THR G 73 -12.25 -1.62 -22.12
C THR G 73 -13.61 -1.08 -22.60
N LEU G 74 -13.52 -0.12 -23.51
CA LEU G 74 -14.71 0.50 -24.09
C LEU G 74 -15.32 -0.40 -25.15
N TYR G 75 -16.64 -0.60 -25.08
CA TYR G 75 -17.38 -1.33 -26.10
C TYR G 75 -18.15 -0.38 -27.00
N GLY G 76 -18.33 -0.78 -28.24
CA GLY G 76 -19.16 -0.04 -29.19
C GLY G 76 -18.43 0.50 -30.39
N PHE G 77 -17.11 0.47 -30.43
CA PHE G 77 -16.33 1.03 -31.53
C PHE G 77 -15.44 -0.03 -32.17
N GLY G 78 -15.84 -1.30 -32.08
CA GLY G 78 -15.05 -2.38 -32.65
C GLY G 78 -14.13 -3.04 -31.64
N LYS H 2 33.64 -16.36 -31.18
CA LYS H 2 33.24 -15.52 -30.06
C LYS H 2 31.73 -15.42 -29.95
N THR H 3 31.24 -15.11 -28.75
CA THR H 3 29.82 -15.01 -28.51
C THR H 3 29.27 -13.69 -29.05
N ARG H 4 27.94 -13.63 -29.14
CA ARG H 4 27.29 -12.41 -29.61
C ARG H 4 27.23 -11.34 -28.53
N SER H 5 27.32 -11.74 -27.26
CA SER H 5 27.41 -10.76 -26.18
C SER H 5 28.76 -10.06 -26.19
N SER H 6 29.79 -10.69 -26.73
CA SER H 6 31.07 -10.02 -26.91
C SER H 6 31.07 -9.12 -28.14
N ARG H 7 30.28 -9.48 -29.16
CA ARG H 7 30.13 -8.60 -30.33
C ARG H 7 29.37 -7.33 -29.96
N ALA H 8 28.22 -7.49 -29.31
CA ALA H 8 27.41 -6.33 -28.94
C ALA H 8 28.02 -5.53 -27.79
N GLY H 9 28.90 -6.13 -26.99
CA GLY H 9 29.48 -5.44 -25.86
C GLY H 9 28.64 -5.49 -24.61
N LEU H 10 27.71 -6.43 -24.50
CA LEU H 10 26.80 -6.49 -23.37
C LEU H 10 27.35 -7.43 -22.30
N GLN H 11 26.54 -7.69 -21.27
CA GLN H 11 26.86 -8.67 -20.24
C GLN H 11 25.81 -9.75 -20.09
N PHE H 12 24.54 -9.45 -20.35
CA PHE H 12 23.52 -10.48 -20.40
C PHE H 12 23.66 -11.31 -21.68
N PRO H 13 23.32 -12.59 -21.65
CA PRO H 13 23.48 -13.43 -22.84
C PRO H 13 22.44 -13.12 -23.90
N VAL H 14 22.76 -13.50 -25.13
CA VAL H 14 21.88 -13.29 -26.27
C VAL H 14 21.21 -14.59 -26.73
N GLY H 15 21.92 -15.72 -26.66
CA GLY H 15 21.35 -16.98 -27.11
C GLY H 15 20.22 -17.48 -26.23
N ARG H 16 20.33 -17.24 -24.91
CA ARG H 16 19.25 -17.63 -24.01
C ARG H 16 18.00 -16.78 -24.24
N VAL H 17 18.17 -15.50 -24.53
CA VAL H 17 17.05 -14.63 -24.84
C VAL H 17 16.41 -15.04 -26.16
N HIS H 18 17.23 -15.41 -27.15
CA HIS H 18 16.72 -15.86 -28.44
C HIS H 18 15.97 -17.18 -28.30
N ARG H 19 16.46 -18.07 -27.43
CA ARG H 19 15.79 -19.35 -27.18
C ARG H 19 14.46 -19.14 -26.46
N LEU H 20 14.42 -18.21 -25.50
CA LEU H 20 13.16 -17.92 -24.82
C LEU H 20 12.17 -17.19 -25.70
N LEU H 21 12.65 -16.43 -26.70
CA LEU H 21 11.73 -15.85 -27.68
C LEU H 21 11.19 -16.90 -28.64
N ARG H 22 12.04 -17.82 -29.10
CA ARG H 22 11.58 -18.88 -29.99
C ARG H 22 10.75 -19.95 -29.28
N LYS H 23 10.81 -20.01 -27.95
CA LYS H 23 10.20 -21.11 -27.21
C LYS H 23 8.87 -20.74 -26.57
N GLY H 24 8.62 -19.46 -26.28
CA GLY H 24 7.49 -19.11 -25.45
C GLY H 24 6.23 -18.69 -26.16
N ASN H 25 6.12 -19.03 -27.46
CA ASN H 25 4.91 -18.88 -28.28
C ASN H 25 4.44 -17.42 -28.35
N TYR H 26 5.30 -16.58 -28.91
CA TYR H 26 4.97 -15.16 -29.07
C TYR H 26 4.64 -14.77 -30.51
N SER H 27 5.31 -15.36 -31.48
CA SER H 27 5.04 -15.12 -32.90
C SER H 27 5.57 -16.30 -33.70
N GLU H 28 5.55 -16.17 -35.02
CA GLU H 28 6.02 -17.25 -35.90
C GLU H 28 7.52 -17.17 -36.11
N ARG H 29 8.05 -15.98 -36.39
CA ARG H 29 9.47 -15.79 -36.65
C ARG H 29 10.02 -14.73 -35.72
N VAL H 30 11.35 -14.79 -35.51
CA VAL H 30 12.07 -13.87 -34.65
C VAL H 30 13.26 -13.35 -35.45
N GLY H 31 13.46 -12.02 -35.43
CA GLY H 31 14.52 -11.39 -36.19
C GLY H 31 15.91 -11.58 -35.61
N ALA H 32 16.78 -10.58 -35.84
CA ALA H 32 18.17 -10.66 -35.44
C ALA H 32 18.60 -9.63 -34.42
N GLY H 33 17.96 -8.46 -34.37
CA GLY H 33 18.32 -7.42 -33.43
C GLY H 33 17.50 -7.39 -32.16
N ALA H 34 16.43 -8.19 -32.08
CA ALA H 34 15.53 -8.20 -30.95
C ALA H 34 16.14 -8.76 -29.65
N PRO H 35 16.85 -9.91 -29.62
CA PRO H 35 17.45 -10.32 -28.34
C PRO H 35 18.59 -9.41 -27.90
N VAL H 36 19.33 -8.81 -28.83
CA VAL H 36 20.38 -7.85 -28.47
C VAL H 36 19.77 -6.60 -27.87
N TYR H 37 18.70 -6.09 -28.48
CA TYR H 37 18.01 -4.90 -27.99
C TYR H 37 17.41 -5.14 -26.61
N LEU H 38 16.76 -6.30 -26.44
CA LEU H 38 16.13 -6.62 -25.16
C LEU H 38 17.16 -6.92 -24.08
N ALA H 39 18.31 -7.49 -24.44
CA ALA H 39 19.37 -7.72 -23.46
C ALA H 39 20.00 -6.41 -23.03
N ALA H 40 20.12 -5.44 -23.94
CA ALA H 40 20.61 -4.12 -23.56
C ALA H 40 19.63 -3.41 -22.62
N VAL H 41 18.32 -3.54 -22.88
CA VAL H 41 17.32 -2.92 -22.01
C VAL H 41 17.34 -3.57 -20.62
N LEU H 42 17.42 -4.90 -20.56
CA LEU H 42 17.47 -5.60 -19.28
C LEU H 42 18.75 -5.29 -18.51
N GLU H 43 19.87 -5.14 -19.22
CA GLU H 43 21.13 -4.81 -18.56
C GLU H 43 21.10 -3.38 -18.00
N TYR H 44 20.50 -2.45 -18.74
CA TYR H 44 20.37 -1.08 -18.24
C TYR H 44 19.48 -1.00 -17.01
N LEU H 45 18.35 -1.71 -17.03
CA LEU H 45 17.44 -1.70 -15.88
C LEU H 45 18.06 -2.38 -14.66
N THR H 46 18.78 -3.50 -14.88
CA THR H 46 19.48 -4.19 -13.81
C THR H 46 20.57 -3.30 -13.20
N ALA H 47 21.33 -2.59 -14.05
CA ALA H 47 22.37 -1.70 -13.54
C ALA H 47 21.80 -0.51 -12.78
N GLU H 48 20.63 0.00 -13.19
CA GLU H 48 20.02 1.09 -12.46
C GLU H 48 19.52 0.65 -11.08
N ILE H 49 18.86 -0.50 -11.02
CA ILE H 49 18.39 -1.06 -9.74
C ILE H 49 19.57 -1.33 -8.81
N LEU H 50 20.65 -1.93 -9.35
CA LEU H 50 21.80 -2.24 -8.51
C LEU H 50 22.57 -1.00 -8.09
N GLU H 51 22.58 0.06 -8.91
CA GLU H 51 23.22 1.31 -8.52
C GLU H 51 22.49 1.97 -7.36
N LEU H 52 21.15 2.06 -7.45
CA LEU H 52 20.40 2.66 -6.37
C LEU H 52 20.42 1.79 -5.11
N ALA H 53 20.46 0.46 -5.29
CA ALA H 53 20.58 -0.43 -4.13
C ALA H 53 21.94 -0.31 -3.47
N GLY H 54 23.00 -0.12 -4.26
CA GLY H 54 24.32 0.07 -3.69
C GLY H 54 24.45 1.39 -2.95
N ASN H 55 23.80 2.44 -3.46
CA ASN H 55 23.78 3.71 -2.74
C ASN H 55 23.00 3.59 -1.44
N ALA H 56 21.85 2.91 -1.46
CA ALA H 56 21.07 2.71 -0.24
C ALA H 56 21.78 1.79 0.75
N ALA H 57 22.65 0.89 0.26
CA ALA H 57 23.43 0.04 1.14
C ALA H 57 24.62 0.78 1.75
N ARG H 58 25.24 1.70 1.00
CA ARG H 58 26.32 2.49 1.57
C ARG H 58 25.79 3.54 2.55
N ASP H 59 24.53 3.96 2.39
CA ASP H 59 23.98 4.96 3.30
C ASP H 59 23.71 4.43 4.72
N ASN H 60 23.76 3.12 4.95
CA ASN H 60 23.48 2.55 6.26
C ASN H 60 24.67 1.80 6.85
N LYS H 61 25.87 2.01 6.30
CA LYS H 61 27.13 1.35 6.71
C LYS H 61 27.00 -0.18 6.63
N LYS H 62 26.78 -0.66 5.41
CA LYS H 62 26.71 -2.09 5.13
C LYS H 62 27.49 -2.39 3.86
N THR H 63 27.82 -3.66 3.67
CA THR H 63 28.54 -4.12 2.48
C THR H 63 27.79 -5.20 1.73
N ARG H 64 26.55 -5.51 2.11
CA ARG H 64 25.74 -6.52 1.45
C ARG H 64 24.34 -5.96 1.23
N ILE H 65 23.86 -6.05 0.00
CA ILE H 65 22.56 -5.52 -0.36
C ILE H 65 21.48 -6.46 0.15
N ILE H 66 20.47 -5.91 0.83
CA ILE H 66 19.41 -6.71 1.43
C ILE H 66 18.08 -6.31 0.80
N PRO H 67 17.01 -7.11 0.94
CA PRO H 67 15.69 -6.69 0.43
C PRO H 67 15.15 -5.39 1.01
N ARG H 68 15.53 -5.00 2.23
CA ARG H 68 15.18 -3.67 2.73
C ARG H 68 15.87 -2.57 1.94
N HIS H 69 17.12 -2.81 1.52
CA HIS H 69 17.82 -1.83 0.69
C HIS H 69 17.21 -1.76 -0.70
N LEU H 70 16.78 -2.90 -1.24
CA LEU H 70 16.05 -2.90 -2.51
C LEU H 70 14.71 -2.17 -2.39
N GLN H 71 14.01 -2.35 -1.26
CA GLN H 71 12.74 -1.68 -1.03
C GLN H 71 12.91 -0.18 -0.94
N LEU H 72 13.94 0.28 -0.21
CA LEU H 72 14.20 1.72 -0.11
C LEU H 72 14.65 2.31 -1.44
N ALA H 73 15.46 1.56 -2.21
CA ALA H 73 15.93 2.04 -3.50
C ALA H 73 14.79 2.15 -4.51
N ILE H 74 13.85 1.21 -4.49
CA ILE H 74 12.74 1.27 -5.43
C ILE H 74 11.72 2.32 -5.00
N ARG H 75 11.35 2.36 -3.72
CA ARG H 75 10.30 3.29 -3.28
C ARG H 75 10.79 4.72 -3.11
N ASN H 76 12.10 4.96 -3.05
CA ASN H 76 12.63 6.31 -2.98
C ASN H 76 12.97 6.89 -4.35
N ASP H 77 12.39 6.36 -5.41
CA ASP H 77 12.61 6.85 -6.77
C ASP H 77 11.26 7.12 -7.42
N GLU H 78 11.22 8.16 -8.26
CA GLU H 78 9.94 8.61 -8.82
C GLU H 78 9.39 7.66 -9.88
N GLU H 79 10.25 7.11 -10.73
CA GLU H 79 9.79 6.33 -11.87
C GLU H 79 9.82 4.84 -11.63
N LEU H 80 10.73 4.35 -10.79
CA LEU H 80 10.74 2.93 -10.44
C LEU H 80 9.54 2.56 -9.57
N ASN H 81 9.04 3.52 -8.78
CA ASN H 81 7.81 3.30 -8.03
C ASN H 81 6.61 3.24 -8.97
N LYS H 82 6.67 3.96 -10.09
CA LYS H 82 5.60 3.90 -11.08
C LYS H 82 5.65 2.61 -11.87
N LEU H 83 6.87 2.13 -12.18
CA LEU H 83 7.01 0.86 -12.89
C LEU H 83 6.66 -0.33 -12.01
N LEU H 84 6.96 -0.26 -10.71
CA LEU H 84 6.77 -1.39 -9.82
C LEU H 84 5.74 -1.07 -8.74
N GLY H 85 4.61 -0.47 -9.13
CA GLY H 85 3.63 -0.05 -8.14
C GLY H 85 2.77 -1.16 -7.60
N LYS H 86 2.54 -2.21 -8.38
CA LYS H 86 1.70 -3.32 -7.98
C LYS H 86 2.50 -4.54 -7.54
N VAL H 87 3.75 -4.34 -7.13
CA VAL H 87 4.65 -5.43 -6.78
C VAL H 87 4.92 -5.39 -5.29
N THR H 88 4.78 -6.55 -4.64
CA THR H 88 5.08 -6.72 -3.22
C THR H 88 6.41 -7.46 -3.10
N ILE H 89 7.38 -6.82 -2.44
CA ILE H 89 8.69 -7.42 -2.20
C ILE H 89 8.67 -8.08 -0.83
N ALA H 90 9.05 -9.35 -0.77
CA ALA H 90 9.08 -10.07 0.50
C ALA H 90 10.23 -9.58 1.38
N GLN H 91 9.95 -9.49 2.68
CA GLN H 91 10.87 -8.99 3.71
C GLN H 91 11.38 -7.58 3.39
N GLY H 92 10.48 -6.74 2.87
CA GLY H 92 10.87 -5.42 2.42
C GLY H 92 10.46 -4.29 3.35
N GLY H 93 9.31 -4.42 3.99
CA GLY H 93 8.82 -3.39 4.87
C GLY H 93 8.26 -2.19 4.12
N VAL H 94 8.01 -1.12 4.89
CA VAL H 94 7.42 0.09 4.34
C VAL H 94 8.36 1.27 4.55
N LEU H 95 7.96 2.45 4.06
CA LEU H 95 8.70 3.69 4.23
C LEU H 95 8.29 4.37 5.53
N PRO H 96 9.27 4.84 6.32
CA PRO H 96 8.94 5.52 7.58
C PRO H 96 8.38 6.91 7.33
N ASN H 97 7.10 7.10 7.70
CA ASN H 97 6.46 8.40 7.60
C ASN H 97 5.33 8.50 8.62
N ILE H 98 5.19 9.67 9.23
CA ILE H 98 4.16 9.97 10.21
C ILE H 98 3.44 11.22 9.75
N GLN H 99 2.11 11.18 9.76
CA GLN H 99 1.30 12.32 9.36
C GLN H 99 1.46 13.48 10.35
N ALA H 100 1.40 14.71 9.84
CA ALA H 100 1.70 15.89 10.63
C ALA H 100 0.57 16.30 11.57
N VAL H 101 -0.61 15.66 11.48
CA VAL H 101 -1.69 15.96 12.42
C VAL H 101 -1.67 15.03 13.62
N LEU H 102 -0.68 14.14 13.72
CA LEU H 102 -0.56 13.23 14.85
C LEU H 102 0.58 13.57 15.79
N LEU H 103 1.58 14.31 15.32
CA LEU H 103 2.69 14.68 16.18
C LEU H 103 2.28 15.81 17.12
N PRO H 104 2.71 15.76 18.40
CA PRO H 104 2.36 16.81 19.36
C PRO H 104 3.14 18.11 19.11
N GLU I 35 18.74 -23.09 -13.66
CA GLU I 35 19.42 -22.11 -14.49
C GLU I 35 18.77 -20.75 -14.35
N SER I 36 19.58 -19.70 -14.17
CA SER I 36 19.08 -18.39 -13.81
C SER I 36 20.05 -17.33 -14.32
N TYR I 37 19.87 -16.10 -13.83
CA TYR I 37 20.67 -14.95 -14.25
C TYR I 37 21.62 -14.49 -13.16
N SER I 38 21.97 -15.37 -12.21
CA SER I 38 22.66 -14.94 -10.99
C SER I 38 24.08 -14.49 -11.26
N ILE I 39 24.84 -15.25 -12.06
CA ILE I 39 26.22 -14.90 -12.36
C ILE I 39 26.27 -13.63 -13.23
N TYR I 40 25.23 -13.39 -14.03
CA TYR I 40 25.18 -12.17 -14.81
C TYR I 40 24.83 -10.97 -13.94
N VAL I 41 24.01 -11.17 -12.90
CA VAL I 41 23.75 -10.11 -11.94
C VAL I 41 25.01 -9.79 -11.14
N TYR I 42 25.83 -10.81 -10.84
CA TYR I 42 27.14 -10.54 -10.23
C TYR I 42 28.05 -9.75 -11.16
N LYS I 43 28.05 -10.09 -12.46
CA LYS I 43 28.88 -9.38 -13.42
C LYS I 43 28.45 -7.93 -13.59
N VAL I 44 27.15 -7.66 -13.51
CA VAL I 44 26.68 -6.28 -13.58
C VAL I 44 26.98 -5.54 -12.28
N LEU I 45 26.86 -6.22 -11.13
CA LEU I 45 27.07 -5.59 -9.84
C LEU I 45 28.53 -5.24 -9.60
N LYS I 46 29.47 -6.03 -10.10
CA LYS I 46 30.87 -5.74 -9.90
C LYS I 46 31.39 -4.60 -10.79
N GLN I 47 30.56 -4.02 -11.66
CA GLN I 47 30.98 -2.92 -12.51
C GLN I 47 30.54 -1.56 -11.99
N VAL I 48 29.45 -1.49 -11.22
CA VAL I 48 28.94 -0.21 -10.74
C VAL I 48 29.30 0.01 -9.28
N HIS I 49 29.55 -1.07 -8.54
CA HIS I 49 30.01 -1.00 -7.16
C HIS I 49 30.98 -2.14 -6.94
N PRO I 50 32.30 -1.86 -6.92
CA PRO I 50 33.29 -2.95 -6.88
C PRO I 50 33.33 -3.72 -5.56
N ASP I 51 33.46 -3.02 -4.44
CA ASP I 51 33.66 -3.67 -3.14
C ASP I 51 32.35 -3.79 -2.36
N THR I 52 31.43 -4.58 -2.91
CA THR I 52 30.15 -4.84 -2.24
C THR I 52 29.71 -6.27 -2.54
N GLY I 53 28.74 -6.72 -1.75
CA GLY I 53 28.15 -8.04 -1.96
C GLY I 53 26.64 -8.00 -2.09
N ILE I 54 26.02 -9.18 -2.15
CA ILE I 54 24.57 -9.28 -2.31
C ILE I 54 24.10 -10.62 -1.73
N SER I 55 22.95 -10.61 -1.06
CA SER I 55 22.39 -11.81 -0.46
C SER I 55 21.60 -12.62 -1.49
N SER I 56 21.32 -13.88 -1.12
CA SER I 56 20.59 -14.79 -2.00
C SER I 56 19.14 -14.40 -2.16
N LYS I 57 18.54 -13.79 -1.12
CA LYS I 57 17.16 -13.32 -1.22
C LYS I 57 17.05 -12.16 -2.20
N ALA I 58 17.99 -11.21 -2.13
CA ALA I 58 18.06 -10.12 -3.10
C ALA I 58 18.36 -10.63 -4.50
N MET I 59 19.16 -11.70 -4.60
CA MET I 59 19.41 -12.32 -5.90
C MET I 59 18.13 -12.95 -6.49
N GLY I 60 17.31 -13.56 -5.64
CA GLY I 60 16.04 -14.10 -6.10
C GLY I 60 15.06 -13.00 -6.50
N ILE I 61 15.08 -11.88 -5.78
CA ILE I 61 14.23 -10.75 -6.14
C ILE I 61 14.66 -10.15 -7.47
N MET I 62 15.98 -10.08 -7.72
CA MET I 62 16.45 -9.60 -9.02
C MET I 62 16.14 -10.57 -10.14
N ASN I 63 16.16 -11.88 -9.86
CA ASN I 63 15.75 -12.89 -10.83
C ASN I 63 14.27 -12.71 -11.21
N SER I 64 13.42 -12.51 -10.19
CA SER I 64 12.00 -12.29 -10.44
C SER I 64 11.76 -10.99 -11.21
N PHE I 65 12.55 -9.95 -10.93
CA PHE I 65 12.43 -8.68 -11.63
C PHE I 65 12.79 -8.81 -13.11
N VAL I 66 13.91 -9.50 -13.40
CA VAL I 66 14.33 -9.72 -14.79
C VAL I 66 13.31 -10.55 -15.54
N ASN I 67 12.77 -11.59 -14.90
CA ASN I 67 11.75 -12.43 -15.54
C ASN I 67 10.46 -11.65 -15.81
N ASP I 68 10.05 -10.80 -14.86
CA ASP I 68 8.82 -10.03 -15.02
C ASP I 68 8.94 -9.00 -16.13
N ILE I 69 10.06 -8.29 -16.20
CA ILE I 69 10.26 -7.30 -17.25
C ILE I 69 10.39 -7.97 -18.62
N PHE I 70 11.04 -9.15 -18.67
CA PHE I 70 11.11 -9.94 -19.90
C PHE I 70 9.72 -10.33 -20.38
N GLU I 71 8.86 -10.83 -19.47
CA GLU I 71 7.53 -11.25 -19.85
C GLU I 71 6.67 -10.08 -20.31
N ARG I 72 6.79 -8.92 -19.64
CA ARG I 72 6.03 -7.73 -20.04
C ARG I 72 6.42 -7.25 -21.44
N ILE I 73 7.73 -7.11 -21.68
CA ILE I 73 8.19 -6.59 -22.98
C ILE I 73 7.90 -7.58 -24.10
N ALA I 74 8.09 -8.89 -23.84
CA ALA I 74 7.80 -9.89 -24.85
C ALA I 74 6.31 -10.00 -25.15
N GLY I 75 5.45 -9.86 -24.12
CA GLY I 75 4.02 -9.91 -24.37
C GLY I 75 3.51 -8.70 -25.12
N GLU I 76 4.03 -7.52 -24.80
CA GLU I 76 3.61 -6.33 -25.54
C GLU I 76 4.13 -6.34 -26.98
N ALA I 77 5.34 -6.84 -27.20
CA ALA I 77 5.85 -6.97 -28.57
C ALA I 77 5.10 -8.05 -29.34
N SER I 78 4.58 -9.07 -28.65
CA SER I 78 3.72 -10.04 -29.31
C SER I 78 2.35 -9.46 -29.64
N ARG I 79 1.86 -8.53 -28.82
CA ARG I 79 0.60 -7.86 -29.14
C ARG I 79 0.74 -6.91 -30.32
N LEU I 80 1.88 -6.20 -30.39
CA LEU I 80 2.09 -5.23 -31.48
C LEU I 80 2.23 -5.90 -32.84
N ALA I 81 2.73 -7.13 -32.89
CA ALA I 81 2.92 -7.81 -34.17
C ALA I 81 1.64 -8.41 -34.73
N HIS I 82 0.60 -8.53 -33.92
CA HIS I 82 -0.67 -9.08 -34.38
C HIS I 82 -1.59 -8.02 -34.95
N TYR I 83 -1.49 -6.77 -34.47
CA TYR I 83 -2.36 -5.70 -34.92
C TYR I 83 -2.05 -5.28 -36.36
N ASN I 84 -0.80 -5.46 -36.79
CA ASN I 84 -0.38 -5.12 -38.14
C ASN I 84 -0.31 -6.32 -39.07
N LYS I 85 -0.72 -7.50 -38.58
CA LYS I 85 -0.77 -8.76 -39.34
C LYS I 85 0.61 -9.17 -39.86
N ARG I 86 1.63 -8.97 -39.03
CA ARG I 86 2.98 -9.39 -39.34
C ARG I 86 3.33 -10.66 -38.54
N SER I 87 4.32 -11.40 -39.05
CA SER I 87 4.71 -12.68 -38.47
C SER I 87 6.10 -12.64 -37.83
N THR I 88 6.71 -11.47 -37.71
CA THR I 88 8.08 -11.38 -37.21
C THR I 88 8.18 -10.27 -36.18
N ILE I 89 8.78 -10.59 -35.04
CA ILE I 89 9.12 -9.60 -34.02
C ILE I 89 10.51 -9.08 -34.30
N THR I 90 10.64 -7.76 -34.47
CA THR I 90 11.90 -7.14 -34.83
C THR I 90 12.32 -6.14 -33.75
N SER I 91 13.45 -5.47 -34.01
CA SER I 91 13.95 -4.44 -33.11
C SER I 91 13.01 -3.25 -33.06
N ARG I 92 12.30 -2.97 -34.15
CA ARG I 92 11.28 -1.92 -34.15
C ARG I 92 10.11 -2.30 -33.25
N GLU I 93 9.74 -3.58 -33.25
CA GLU I 93 8.67 -4.06 -32.37
C GLU I 93 9.08 -3.98 -30.91
N ILE I 94 10.34 -4.36 -30.60
CA ILE I 94 10.84 -4.28 -29.23
C ILE I 94 10.96 -2.83 -28.78
N GLN I 95 11.34 -1.94 -29.70
CA GLN I 95 11.45 -0.51 -29.37
C GLN I 95 10.08 0.12 -29.11
N THR I 96 9.08 -0.28 -29.89
CA THR I 96 7.72 0.21 -29.66
C THR I 96 7.14 -0.36 -28.37
N ALA I 97 7.52 -1.59 -28.01
CA ALA I 97 7.10 -2.12 -26.72
C ALA I 97 7.84 -1.48 -25.54
N VAL I 98 9.05 -0.98 -25.77
CA VAL I 98 9.77 -0.26 -24.72
C VAL I 98 9.17 1.13 -24.51
N ARG I 99 8.84 1.84 -25.60
CA ARG I 99 8.32 3.21 -25.47
C ARG I 99 6.95 3.26 -24.84
N LEU I 100 6.15 2.19 -25.00
CA LEU I 100 4.82 2.16 -24.39
C LEU I 100 4.87 1.81 -22.90
N LEU I 101 5.86 1.04 -22.47
CA LEU I 101 5.86 0.45 -21.14
C LEU I 101 6.65 1.26 -20.10
N LEU I 102 7.77 1.86 -20.50
CA LEU I 102 8.64 2.52 -19.54
C LEU I 102 8.28 3.99 -19.41
N PRO I 103 8.63 4.64 -18.27
CA PRO I 103 8.36 6.09 -18.13
C PRO I 103 9.25 6.97 -19.00
N GLY I 104 9.09 8.29 -18.87
CA GLY I 104 9.61 9.21 -19.88
C GLY I 104 11.12 9.30 -19.92
N GLU I 105 11.74 9.53 -18.75
CA GLU I 105 13.20 9.66 -18.72
C GLU I 105 13.90 8.29 -18.80
N LEU I 106 13.22 7.22 -18.38
CA LEU I 106 13.82 5.89 -18.41
C LEU I 106 13.78 5.30 -19.82
N ALA I 107 12.70 5.54 -20.56
CA ALA I 107 12.55 4.96 -21.88
C ALA I 107 13.51 5.55 -22.89
N LYS I 108 13.87 6.82 -22.73
CA LYS I 108 14.81 7.46 -23.65
C LYS I 108 16.20 6.85 -23.53
N HIS I 109 16.67 6.65 -22.29
CA HIS I 109 17.96 5.99 -22.08
C HIS I 109 17.91 4.52 -22.47
N ALA I 110 16.77 3.85 -22.29
CA ALA I 110 16.66 2.47 -22.72
C ALA I 110 16.72 2.34 -24.24
N VAL I 111 16.03 3.23 -24.96
CA VAL I 111 16.08 3.26 -26.42
C VAL I 111 17.50 3.59 -26.90
N SER I 112 18.18 4.52 -26.22
CA SER I 112 19.54 4.89 -26.61
C SER I 112 20.52 3.74 -26.41
N GLU I 113 20.42 3.04 -25.27
CA GLU I 113 21.30 1.90 -25.01
C GLU I 113 21.03 0.75 -25.98
N GLY I 114 19.76 0.45 -26.25
CA GLY I 114 19.43 -0.60 -27.20
C GLY I 114 19.85 -0.26 -28.62
N THR I 115 19.73 1.01 -29.01
CA THR I 115 20.15 1.45 -30.33
C THR I 115 21.66 1.37 -30.49
N LYS I 116 22.40 1.76 -29.45
CA LYS I 116 23.86 1.61 -29.47
C LYS I 116 24.28 0.15 -29.53
N ALA I 117 23.58 -0.72 -28.81
CA ALA I 117 23.92 -2.14 -28.80
C ALA I 117 23.59 -2.83 -30.11
N VAL I 118 22.50 -2.42 -30.78
CA VAL I 118 22.17 -3.01 -32.07
C VAL I 118 22.98 -2.36 -33.19
N THR I 119 23.55 -1.18 -32.97
CA THR I 119 24.47 -0.60 -33.92
C THR I 119 25.84 -1.27 -33.84
N LYS I 120 26.31 -1.60 -32.63
CA LYS I 120 27.58 -2.28 -32.47
C LYS I 120 27.55 -3.74 -32.90
N TYR I 121 26.37 -4.32 -33.13
CA TYR I 121 26.28 -5.73 -33.49
C TYR I 121 26.61 -5.98 -34.96
N THR I 122 26.28 -5.03 -35.84
CA THR I 122 26.54 -5.19 -37.27
C THR I 122 27.83 -4.53 -37.72
N SER I 123 28.17 -3.38 -37.14
CA SER I 123 29.39 -2.68 -37.51
C SER I 123 30.62 -3.37 -36.91
ZN ZN L . 19.70 15.43 17.34
ZN ZN M . 16.88 16.03 15.76
ZN ZN N . 2.11 18.55 51.69
N SAM O . 14.57 14.41 54.53
CA SAM O . 15.03 14.53 53.15
C SAM O . 16.35 15.28 53.10
O SAM O . 16.61 16.17 53.91
OXT SAM O . 17.20 15.00 52.25
CB SAM O . 13.98 15.25 52.30
CG SAM O . 13.39 14.41 51.16
SD SAM O . 14.09 12.74 51.06
CE SAM O . 14.26 12.55 49.27
C5' SAM O . 12.65 11.70 51.35
C4' SAM O . 12.43 11.32 52.81
O4' SAM O . 12.10 12.47 53.56
C3' SAM O . 11.28 10.33 52.92
O3' SAM O . 11.70 9.19 53.63
C2' SAM O . 10.20 11.05 53.71
O2' SAM O . 9.81 10.27 54.82
C1' SAM O . 10.85 12.34 54.19
N9 SAM O . 10.00 13.49 53.85
C8 SAM O . 10.10 14.28 52.73
N7 SAM O . 9.14 15.23 52.79
C5 SAM O . 8.42 15.05 53.92
C6 SAM O . 7.34 15.73 54.45
N6 SAM O . 6.82 16.78 53.81
N1 SAM O . 6.79 15.31 55.65
C2 SAM O . 7.33 14.23 56.31
N3 SAM O . 8.41 13.56 55.77
C4 SAM O . 8.95 13.97 54.59
#